data_6YMG
#
_entry.id   6YMG
#
_cell.length_a   81.111
_cell.length_b   81.111
_cell.length_c   617.307
_cell.angle_alpha   90.000
_cell.angle_beta   90.000
_cell.angle_gamma   120.000
#
_symmetry.space_group_name_H-M   'P 61 2 2'
#
loop_
_entity.id
_entity.type
_entity.pdbx_description
1 polymer 'HNH endonuclease'
2 polymer "DNA (5'-D(*CP*CP*AP*TP*GP*(5CM)P*GP*CP*TP*GP*A)-3')"
3 polymer "DNA (5'-D(P*CP*AP*GP*CP*GP*CP*AP*TP*GP*G)-3')"
4 non-polymer 'CHLORIDE ION'
5 non-polymer 'SULFATE ION'
6 water water
#
loop_
_entity_poly.entity_id
_entity_poly.type
_entity_poly.pdbx_seq_one_letter_code
_entity_poly.pdbx_strand_id
1 'polypeptide(L)'
;MNYWWVSQKQTFKQEFEGGYMWSPKENKNGTQSHYYNNMTLVQPGDVVFSFANGLILSVGIARSHAYSYNKPTEFGVAGA
DWANDGWKIDLEYHLVENKIRPKAHIDFIRPYLPQKYSPLQDNGNGNQAYLFSVPHELASKVVELIGSEAEEVIFGFADT
TEITTTADAIECQISNDASIDETEKHQLVKSRRGQGIFRSRLEQVESRCRVTGVQLKNHLIASHIKPWAVSNNQERLDGH
NGLLLAPHVDHLFDKGFISFEDNGEMIVSEKLNLDVLKAWSISQGNYGYFSKQQQEYMCYHRENVFKKL
;
A,B
2 'polydeoxyribonucleotide' (DC)(DC)(DA)(DT)(DG)(5CM)(DG)(DC)(DT)(DG)(DA) C,E
3 'polydeoxyribonucleotide' (DT)(DC)(DA)(DG)(DC)(DG)(DC)(DA)(DT)(DG)(DG) D,F
#
loop_
_chem_comp.id
_chem_comp.type
_chem_comp.name
_chem_comp.formula
5CM DNA linking 5-METHYL-2'-DEOXY-CYTIDINE-5'-MONOPHOSPHATE 'C10 H16 N3 O7 P'
CL non-polymer 'CHLORIDE ION' 'Cl -1'
DA DNA linking 2'-DEOXYADENOSINE-5'-MONOPHOSPHATE 'C10 H14 N5 O6 P'
DC DNA linking 2'-DEOXYCYTIDINE-5'-MONOPHOSPHATE 'C9 H14 N3 O7 P'
DG DNA linking 2'-DEOXYGUANOSINE-5'-MONOPHOSPHATE 'C10 H14 N5 O7 P'
DT DNA linking THYMIDINE-5'-MONOPHOSPHATE 'C10 H15 N2 O8 P'
SO4 non-polymer 'SULFATE ION' 'O4 S -2'
#
# COMPACT_ATOMS: atom_id res chain seq x y z
N MET A 1 8.77 -5.03 18.43
CA MET A 1 9.98 -4.94 17.56
C MET A 1 11.21 -5.21 18.45
N ASN A 2 12.06 -6.17 18.05
CA ASN A 2 13.33 -6.50 18.75
C ASN A 2 14.50 -5.86 18.00
N TYR A 3 15.54 -5.48 18.74
CA TYR A 3 16.80 -4.90 18.22
C TYR A 3 17.90 -5.96 18.32
N TRP A 4 18.91 -5.86 17.44
CA TRP A 4 20.05 -6.80 17.33
C TRP A 4 21.34 -6.05 16.99
N TRP A 5 22.44 -6.55 17.54
CA TRP A 5 23.83 -6.14 17.24
C TRP A 5 24.52 -7.28 16.48
N VAL A 6 25.02 -7.00 15.27
CA VAL A 6 25.71 -8.00 14.42
C VAL A 6 27.14 -7.52 14.17
N SER A 7 28.12 -8.17 14.81
CA SER A 7 29.57 -7.94 14.61
C SER A 7 30.00 -8.58 13.28
N GLN A 8 30.47 -7.78 12.32
CA GLN A 8 30.66 -8.20 10.91
C GLN A 8 32.06 -7.80 10.41
N LYS A 9 33.07 -7.74 11.28
CA LYS A 9 34.40 -7.22 10.90
C LYS A 9 34.99 -8.03 9.74
N GLN A 10 34.75 -9.34 9.69
CA GLN A 10 35.48 -10.26 8.76
C GLN A 10 34.83 -10.22 7.38
N THR A 11 33.52 -9.99 7.30
CA THR A 11 32.73 -10.22 6.05
C THR A 11 31.67 -9.14 5.79
N PHE A 12 31.89 -7.89 6.24
CA PHE A 12 30.85 -6.83 6.15
C PHE A 12 30.58 -6.47 4.68
N LYS A 13 31.63 -6.27 3.88
CA LYS A 13 31.51 -5.93 2.44
C LYS A 13 30.59 -6.96 1.78
N GLN A 14 30.86 -8.25 1.97
CA GLN A 14 30.16 -9.38 1.30
C GLN A 14 28.68 -9.38 1.71
N GLU A 15 28.41 -9.12 3.00
CA GLU A 15 27.07 -9.22 3.64
C GLU A 15 26.21 -8.02 3.24
N PHE A 16 26.80 -6.82 3.19
CA PHE A 16 26.13 -5.55 2.77
C PHE A 16 25.83 -5.59 1.27
N GLU A 17 26.83 -6.00 0.47
CA GLU A 17 26.73 -6.10 -1.02
C GLU A 17 25.72 -7.19 -1.38
N GLY A 18 25.63 -8.23 -0.55
CA GLY A 18 24.68 -9.35 -0.72
C GLY A 18 23.32 -9.07 -0.08
N GLY A 19 23.21 -8.01 0.72
CA GLY A 19 21.98 -7.65 1.46
C GLY A 19 21.50 -8.81 2.32
N TYR A 20 22.41 -9.41 3.08
CA TYR A 20 22.14 -10.59 3.95
C TYR A 20 22.98 -10.56 5.24
N MET A 21 22.44 -11.20 6.27
CA MET A 21 23.20 -11.73 7.42
C MET A 21 23.34 -13.24 7.20
N TRP A 22 24.50 -13.80 7.56
CA TRP A 22 24.75 -15.27 7.51
C TRP A 22 25.67 -15.67 8.66
N SER A 23 25.33 -16.79 9.30
CA SER A 23 26.15 -17.46 10.33
C SER A 23 26.05 -18.97 10.12
N PRO A 24 26.99 -19.76 10.68
CA PRO A 24 26.82 -21.21 10.75
C PRO A 24 25.61 -21.51 11.65
N LYS A 25 25.16 -22.75 11.68
CA LYS A 25 24.08 -23.20 12.58
C LYS A 25 24.70 -23.51 13.96
N GLU A 26 25.92 -24.06 13.96
CA GLU A 26 26.63 -24.58 15.16
C GLU A 26 28.11 -24.17 15.10
N ASN A 27 28.87 -24.40 16.18
CA ASN A 27 30.34 -24.15 16.21
C ASN A 27 31.06 -25.41 15.71
N LYS A 28 32.38 -25.31 15.54
CA LYS A 28 33.28 -26.19 14.74
C LYS A 28 33.09 -27.68 15.06
N ASN A 29 32.56 -28.03 16.24
CA ASN A 29 32.49 -29.44 16.71
C ASN A 29 31.03 -29.86 16.90
N GLY A 30 30.10 -29.17 16.23
CA GLY A 30 28.66 -29.48 16.24
C GLY A 30 27.94 -28.92 17.46
N THR A 31 28.67 -28.24 18.35
CA THR A 31 28.15 -27.73 19.65
C THR A 31 27.26 -26.51 19.43
N GLN A 32 26.29 -26.29 20.33
CA GLN A 32 25.29 -25.18 20.29
C GLN A 32 25.96 -23.83 20.56
N SER A 33 25.60 -22.80 19.78
CA SER A 33 26.00 -21.38 19.97
C SER A 33 24.74 -20.52 20.13
N HIS A 34 24.59 -19.86 21.29
CA HIS A 34 23.45 -18.94 21.59
C HIS A 34 23.40 -17.82 20.54
N TYR A 35 24.57 -17.40 20.05
CA TYR A 35 24.77 -16.31 19.06
C TYR A 35 24.16 -16.73 17.71
N TYR A 36 24.52 -17.92 17.22
CA TYR A 36 23.99 -18.50 15.95
C TYR A 36 22.51 -18.83 16.15
N ASN A 37 22.13 -19.31 17.34
CA ASN A 37 20.72 -19.55 17.74
C ASN A 37 19.91 -18.26 17.57
N ASN A 38 20.46 -17.12 17.99
CA ASN A 38 19.78 -15.81 17.93
C ASN A 38 19.25 -15.57 16.51
N MET A 39 19.93 -16.07 15.48
CA MET A 39 19.52 -15.93 14.05
C MET A 39 18.04 -16.33 13.90
N THR A 40 17.58 -17.38 14.60
CA THR A 40 16.23 -17.97 14.43
C THR A 40 15.17 -17.16 15.18
N LEU A 41 15.57 -16.18 16.01
CA LEU A 41 14.64 -15.33 16.80
C LEU A 41 14.43 -13.97 16.09
N VAL A 42 15.18 -13.71 15.02
CA VAL A 42 15.10 -12.44 14.23
C VAL A 42 13.78 -12.42 13.46
N GLN A 43 12.94 -11.40 13.71
CA GLN A 43 11.64 -11.19 13.03
C GLN A 43 11.80 -10.20 11.89
N PRO A 44 11.09 -10.37 10.75
CA PRO A 44 10.91 -9.29 9.79
C PRO A 44 10.62 -7.98 10.53
N GLY A 45 11.26 -6.88 10.12
CA GLY A 45 11.03 -5.53 10.67
C GLY A 45 11.82 -5.28 11.95
N ASP A 46 12.54 -6.30 12.44
CA ASP A 46 13.49 -6.14 13.58
C ASP A 46 14.70 -5.33 13.08
N VAL A 47 15.17 -4.40 13.91
CA VAL A 47 16.32 -3.49 13.61
C VAL A 47 17.62 -4.23 13.96
N VAL A 48 18.63 -4.14 13.10
CA VAL A 48 19.94 -4.85 13.25
C VAL A 48 21.07 -3.85 13.01
N PHE A 49 21.86 -3.55 14.05
CA PHE A 49 23.04 -2.64 13.98
C PHE A 49 24.24 -3.44 13.48
N SER A 50 24.81 -3.04 12.34
CA SER A 50 26.06 -3.60 11.76
C SER A 50 27.26 -2.93 12.43
N PHE A 51 28.11 -3.73 13.07
CA PHE A 51 29.33 -3.30 13.80
C PHE A 51 30.57 -3.94 13.15
N ALA A 52 31.53 -3.12 12.73
CA ALA A 52 32.78 -3.57 12.06
C ALA A 52 33.87 -2.49 12.19
N ASN A 53 35.08 -2.91 12.54
CA ASN A 53 36.25 -2.01 12.78
C ASN A 53 35.85 -0.94 13.82
N GLY A 54 35.15 -1.37 14.87
CA GLY A 54 34.84 -0.57 16.07
C GLY A 54 33.71 0.42 15.86
N LEU A 55 33.03 0.36 14.70
CA LEU A 55 32.05 1.38 14.25
C LEU A 55 30.72 0.71 13.89
N ILE A 56 29.61 1.42 14.11
CA ILE A 56 28.25 1.06 13.59
C ILE A 56 28.08 1.70 12.20
N LEU A 57 28.01 0.88 11.14
CA LEU A 57 28.01 1.32 9.73
C LEU A 57 26.58 1.32 9.16
N SER A 58 25.68 0.50 9.72
CA SER A 58 24.31 0.26 9.21
C SER A 58 23.32 0.22 10.38
N VAL A 59 22.16 0.86 10.20
CA VAL A 59 20.91 0.53 10.94
C VAL A 59 20.06 -0.31 9.97
N GLY A 60 20.04 -1.63 10.17
CA GLY A 60 19.39 -2.59 9.24
C GLY A 60 17.95 -2.90 9.65
N ILE A 61 17.11 -3.19 8.65
CA ILE A 61 15.76 -3.79 8.86
C ILE A 61 15.79 -5.21 8.28
N ALA A 62 15.40 -6.20 9.08
CA ALA A 62 15.33 -7.62 8.67
C ALA A 62 14.08 -7.81 7.80
N ARG A 63 14.25 -8.45 6.64
CA ARG A 63 13.17 -8.69 5.64
C ARG A 63 12.88 -10.20 5.54
N SER A 64 13.28 -10.98 6.55
CA SER A 64 13.10 -12.45 6.61
C SER A 64 13.30 -12.97 8.03
N HIS A 65 12.66 -14.10 8.36
CA HIS A 65 13.11 -15.04 9.43
C HIS A 65 14.32 -15.79 8.87
N ALA A 66 15.17 -16.34 9.74
CA ALA A 66 16.37 -17.10 9.34
C ALA A 66 15.96 -18.34 8.55
N TYR A 67 16.60 -18.56 7.39
CA TYR A 67 16.34 -19.71 6.48
C TYR A 67 17.65 -20.47 6.21
N SER A 68 17.55 -21.81 6.12
CA SER A 68 18.69 -22.74 5.93
C SER A 68 19.39 -22.46 4.60
N TYR A 69 20.61 -21.93 4.66
CA TYR A 69 21.45 -21.55 3.48
C TYR A 69 22.91 -21.94 3.74
N ASN A 70 23.63 -22.39 2.72
CA ASN A 70 25.05 -22.79 2.84
C ASN A 70 25.91 -21.53 2.82
N LYS A 71 27.17 -21.66 3.26
CA LYS A 71 28.15 -20.53 3.36
C LYS A 71 28.19 -19.81 2.03
N PRO A 72 28.21 -18.45 2.01
CA PRO A 72 28.45 -17.72 0.78
C PRO A 72 29.84 -18.06 0.23
N THR A 73 29.93 -18.40 -1.06
CA THR A 73 31.20 -18.79 -1.72
C THR A 73 32.13 -17.56 -1.77
N GLU A 74 31.57 -16.34 -1.71
CA GLU A 74 32.36 -15.07 -1.80
C GLU A 74 33.08 -14.77 -0.47
N PHE A 75 32.84 -15.54 0.60
CA PHE A 75 33.56 -15.40 1.90
C PHE A 75 35.02 -15.85 1.71
N GLY A 76 35.24 -16.92 0.93
CA GLY A 76 36.57 -17.45 0.59
C GLY A 76 37.34 -17.94 1.81
N VAL A 77 38.60 -17.55 1.93
CA VAL A 77 39.50 -17.94 3.05
C VAL A 77 38.99 -17.31 4.36
N ALA A 78 38.51 -16.05 4.32
CA ALA A 78 38.11 -15.24 5.50
C ALA A 78 37.07 -15.96 6.37
N GLY A 79 36.36 -16.94 5.82
CA GLY A 79 35.36 -17.75 6.54
C GLY A 79 35.53 -19.23 6.28
N ALA A 80 36.77 -19.71 6.18
CA ALA A 80 37.11 -21.14 5.98
C ALA A 80 36.80 -21.94 7.26
N ASP A 81 36.87 -21.31 8.44
CA ASP A 81 36.69 -21.95 9.77
C ASP A 81 35.22 -22.34 10.00
N TRP A 82 34.29 -21.61 9.40
CA TRP A 82 32.84 -21.75 9.65
C TRP A 82 32.28 -22.97 8.91
N ALA A 83 31.46 -23.77 9.57
CA ALA A 83 30.68 -24.87 8.97
C ALA A 83 29.94 -24.33 7.74
N ASN A 84 29.71 -25.18 6.73
CA ASN A 84 29.00 -24.80 5.48
C ASN A 84 27.51 -24.60 5.77
N ASP A 85 26.87 -25.56 6.44
CA ASP A 85 25.44 -25.50 6.87
C ASP A 85 25.26 -24.28 7.77
N GLY A 86 24.45 -23.32 7.34
CA GLY A 86 24.30 -22.01 8.01
C GLY A 86 22.88 -21.46 7.99
N TRP A 87 22.62 -20.43 8.80
CA TRP A 87 21.40 -19.59 8.77
C TRP A 87 21.68 -18.38 7.90
N LYS A 88 20.69 -17.96 7.10
CA LYS A 88 20.74 -16.69 6.31
C LYS A 88 19.49 -15.86 6.64
N ILE A 89 19.69 -14.56 6.81
CA ILE A 89 18.60 -13.54 6.91
C ILE A 89 18.83 -12.49 5.83
N ASP A 90 17.76 -12.08 5.16
CA ASP A 90 17.75 -10.92 4.23
C ASP A 90 17.70 -9.65 5.10
N LEU A 91 18.71 -8.80 4.99
CA LEU A 91 18.82 -7.56 5.77
C LEU A 91 18.77 -6.36 4.81
N GLU A 92 17.76 -5.53 4.96
CA GLU A 92 17.68 -4.21 4.32
C GLU A 92 18.72 -3.31 4.99
N TYR A 93 19.93 -3.27 4.41
CA TYR A 93 21.04 -2.41 4.87
C TYR A 93 20.63 -0.96 4.67
N HIS A 94 20.90 -0.11 5.67
CA HIS A 94 20.86 1.37 5.58
C HIS A 94 22.16 1.94 6.15
N LEU A 95 23.06 2.35 5.27
CA LEU A 95 24.34 3.02 5.64
C LEU A 95 24.01 4.34 6.35
N VAL A 96 24.84 4.73 7.31
CA VAL A 96 24.70 6.00 8.10
C VAL A 96 25.99 6.81 7.98
N GLU A 97 25.89 8.09 7.63
CA GLU A 97 27.05 9.01 7.52
C GLU A 97 27.70 9.13 8.90
N ASN A 98 26.88 9.29 9.96
CA ASN A 98 27.31 9.38 11.38
C ASN A 98 27.56 7.98 11.93
N LYS A 99 28.78 7.46 11.71
CA LYS A 99 29.21 6.12 12.17
C LYS A 99 29.76 6.29 13.59
N ILE A 100 28.97 5.96 14.61
CA ILE A 100 29.37 6.09 16.05
C ILE A 100 30.34 4.95 16.38
N ARG A 101 31.39 5.26 17.15
CA ARG A 101 32.31 4.28 17.79
C ARG A 101 31.79 4.04 19.19
N PRO A 102 31.07 2.93 19.45
CA PRO A 102 30.38 2.76 20.73
C PRO A 102 31.38 2.86 21.88
N LYS A 103 32.57 2.28 21.73
CA LYS A 103 33.61 2.29 22.79
C LYS A 103 33.75 3.71 23.35
N ALA A 104 33.71 4.73 22.48
CA ALA A 104 33.94 6.15 22.82
C ALA A 104 32.75 6.74 23.59
N HIS A 105 31.66 6.00 23.76
CA HIS A 105 30.45 6.41 24.52
C HIS A 105 30.20 5.44 25.70
N ILE A 106 31.20 4.63 26.06
CA ILE A 106 31.02 3.44 26.95
C ILE A 106 30.48 3.88 28.32
N ASP A 107 30.95 5.03 28.83
CA ASP A 107 30.57 5.52 30.19
C ASP A 107 29.05 5.73 30.22
N PHE A 108 28.46 6.20 29.12
CA PHE A 108 26.99 6.42 29.01
C PHE A 108 26.25 5.10 28.83
N ILE A 109 26.81 4.18 28.04
CA ILE A 109 26.18 2.91 27.57
C ILE A 109 26.22 1.85 28.68
N ARG A 110 27.42 1.58 29.21
CA ARG A 110 27.75 0.43 30.11
C ARG A 110 26.54 0.03 30.97
N PRO A 111 25.90 0.94 31.73
CA PRO A 111 24.78 0.58 32.60
C PRO A 111 23.60 -0.13 31.91
N TYR A 112 23.46 0.03 30.59
CA TYR A 112 22.32 -0.53 29.80
C TYR A 112 22.77 -1.77 29.02
N LEU A 113 24.05 -2.15 29.11
CA LEU A 113 24.55 -3.45 28.59
C LEU A 113 23.90 -4.56 29.40
N PRO A 114 23.46 -5.68 28.78
CA PRO A 114 22.86 -6.79 29.51
C PRO A 114 23.95 -7.63 30.17
N GLN A 115 23.61 -8.30 31.28
CA GLN A 115 24.56 -9.05 32.14
C GLN A 115 25.22 -10.16 31.31
N LYS A 116 24.43 -10.96 30.58
CA LYS A 116 24.93 -12.06 29.73
C LYS A 116 24.74 -11.68 28.26
N TYR A 117 25.65 -12.14 27.40
CA TYR A 117 25.59 -12.02 25.93
C TYR A 117 25.59 -10.54 25.52
N SER A 118 26.33 -9.71 26.24
CA SER A 118 26.56 -8.30 25.85
C SER A 118 27.42 -8.31 24.58
N PRO A 119 27.16 -7.42 23.59
CA PRO A 119 28.05 -7.30 22.44
C PRO A 119 29.38 -6.64 22.83
N LEU A 120 29.34 -5.80 23.87
CA LEU A 120 30.51 -5.04 24.40
C LEU A 120 30.87 -5.56 25.79
N GLN A 121 32.17 -5.61 26.09
CA GLN A 121 32.72 -5.79 27.46
C GLN A 121 32.50 -4.48 28.23
N ASP A 122 32.85 -4.44 29.52
CA ASP A 122 32.63 -3.24 30.37
C ASP A 122 33.59 -2.12 29.95
N ASN A 123 34.73 -2.44 29.32
CA ASN A 123 35.71 -1.44 28.78
C ASN A 123 35.26 -0.93 27.41
N GLY A 124 34.26 -1.57 26.80
CA GLY A 124 33.61 -1.13 25.55
C GLY A 124 34.20 -1.81 24.32
N ASN A 125 35.04 -2.84 24.53
CA ASN A 125 35.63 -3.66 23.44
C ASN A 125 34.58 -4.68 23.00
N GLY A 126 34.34 -4.77 21.69
CA GLY A 126 33.42 -5.76 21.11
C GLY A 126 33.80 -7.17 21.53
N ASN A 127 32.81 -7.99 21.90
CA ASN A 127 32.98 -9.43 22.17
C ASN A 127 33.14 -10.17 20.84
N GLN A 128 33.91 -11.27 20.86
CA GLN A 128 34.20 -12.12 19.68
C GLN A 128 33.03 -13.10 19.49
N ALA A 129 31.99 -12.64 18.79
CA ALA A 129 30.77 -13.41 18.44
C ALA A 129 29.95 -12.61 17.42
N TYR A 130 29.06 -13.28 16.69
CA TYR A 130 28.43 -12.75 15.45
C TYR A 130 27.21 -11.87 15.76
N LEU A 131 26.27 -12.36 16.57
CA LEU A 131 24.93 -11.74 16.73
C LEU A 131 24.50 -11.79 18.19
N PHE A 132 24.07 -10.63 18.72
CA PHE A 132 23.59 -10.46 20.11
C PHE A 132 22.22 -9.77 20.11
N SER A 133 21.37 -10.12 21.08
CA SER A 133 20.14 -9.37 21.43
C SER A 133 20.53 -7.99 21.96
N VAL A 134 19.77 -6.95 21.60
CA VAL A 134 19.92 -5.57 22.16
C VAL A 134 18.62 -5.21 22.89
N PRO A 135 18.61 -5.18 24.24
CA PRO A 135 17.40 -4.81 24.98
C PRO A 135 17.01 -3.35 24.69
N HIS A 136 15.71 -3.09 24.64
CA HIS A 136 15.09 -1.86 24.08
C HIS A 136 15.67 -0.61 24.76
N GLU A 137 16.03 -0.72 26.03
CA GLU A 137 16.60 0.43 26.79
C GLU A 137 18.00 0.73 26.24
N LEU A 138 18.83 -0.30 26.03
CA LEU A 138 20.16 -0.15 25.38
C LEU A 138 19.98 0.35 23.94
N ALA A 139 19.09 -0.29 23.18
CA ALA A 139 18.73 0.10 21.80
C ALA A 139 18.49 1.61 21.74
N SER A 140 17.68 2.15 22.66
CA SER A 140 17.25 3.57 22.70
C SER A 140 18.46 4.49 22.83
N LYS A 141 19.55 4.00 23.45
CA LYS A 141 20.80 4.78 23.68
C LYS A 141 21.64 4.80 22.39
N VAL A 142 21.87 3.62 21.80
CA VAL A 142 22.56 3.49 20.47
C VAL A 142 21.90 4.49 19.51
N VAL A 143 20.57 4.40 19.38
CA VAL A 143 19.72 5.27 18.50
C VAL A 143 20.03 6.74 18.79
N GLU A 144 20.00 7.13 20.08
CA GLU A 144 20.25 8.52 20.56
C GLU A 144 21.60 9.01 20.01
N LEU A 145 22.60 8.13 19.98
CA LEU A 145 24.02 8.49 19.65
C LEU A 145 24.15 8.67 18.13
N ILE A 146 23.55 7.78 17.34
CA ILE A 146 23.60 7.82 15.85
C ILE A 146 22.76 9.00 15.37
N GLY A 147 21.76 9.40 16.16
CA GLY A 147 20.92 10.58 15.88
C GLY A 147 19.91 10.30 14.78
N SER A 148 19.46 11.37 14.11
CA SER A 148 18.32 11.38 13.15
C SER A 148 18.32 10.11 12.30
N GLU A 149 19.43 9.82 11.61
CA GLU A 149 19.44 8.85 10.47
C GLU A 149 19.39 7.40 10.97
N ALA A 150 19.27 7.18 12.28
CA ALA A 150 18.83 5.90 12.88
C ALA A 150 17.32 5.95 13.09
N GLU A 151 16.81 7.07 13.61
CA GLU A 151 15.36 7.35 13.80
C GLU A 151 14.64 7.22 12.45
N GLU A 152 15.26 7.74 11.39
CA GLU A 152 14.76 7.66 9.99
C GLU A 152 14.33 6.22 9.66
N VAL A 153 15.13 5.23 10.07
CA VAL A 153 15.01 3.80 9.66
C VAL A 153 13.96 3.10 10.53
N ILE A 154 13.72 3.60 11.75
CA ILE A 154 12.92 2.94 12.81
C ILE A 154 11.48 3.44 12.75
N PHE A 155 11.29 4.70 13.17
CA PHE A 155 9.97 5.32 13.49
C PHE A 155 9.19 5.58 12.20
N GLY A 156 8.08 4.84 12.02
CA GLY A 156 7.19 4.92 10.84
C GLY A 156 7.77 4.17 9.66
N PHE A 157 8.61 3.17 9.93
CA PHE A 157 9.33 2.37 8.90
C PHE A 157 9.48 0.93 9.41
N ALA A 158 10.56 0.61 10.12
CA ALA A 158 10.84 -0.74 10.65
C ALA A 158 9.69 -1.18 11.58
N ASP A 159 9.24 -0.26 12.45
CA ASP A 159 8.27 -0.54 13.54
C ASP A 159 6.85 -0.63 12.96
N THR A 160 6.68 -0.38 11.65
CA THR A 160 5.40 -0.57 10.93
C THR A 160 5.32 -1.97 10.32
N THR A 161 6.46 -2.62 10.07
CA THR A 161 6.54 -3.97 9.43
C THR A 161 5.85 -5.00 10.33
N GLU A 162 6.06 -4.94 11.65
CA GLU A 162 5.47 -5.91 12.61
C GLU A 162 3.97 -5.63 12.73
N ILE A 163 3.54 -4.37 12.68
CA ILE A 163 2.09 -3.98 12.65
C ILE A 163 1.44 -4.72 11.48
N THR A 164 1.97 -4.52 10.27
CA THR A 164 1.53 -5.16 8.99
C THR A 164 1.37 -6.67 9.19
N THR A 165 2.35 -7.29 9.84
CA THR A 165 2.38 -8.75 10.14
C THR A 165 1.15 -9.10 10.99
N THR A 166 0.90 -8.33 12.05
CA THR A 166 -0.22 -8.54 13.02
C THR A 166 -1.56 -8.38 12.30
N ALA A 167 -1.65 -7.43 11.36
CA ALA A 167 -2.86 -7.14 10.56
C ALA A 167 -3.13 -8.30 9.59
N ASP A 168 -2.08 -8.83 8.93
CA ASP A 168 -2.20 -9.96 7.98
C ASP A 168 -2.80 -11.18 8.70
N ALA A 169 -2.28 -11.52 9.88
CA ALA A 169 -2.81 -12.57 10.79
C ALA A 169 -4.32 -12.42 10.90
N ILE A 170 -4.78 -11.23 11.33
CA ILE A 170 -6.21 -10.86 11.58
C ILE A 170 -7.03 -11.08 10.30
N GLU A 171 -6.50 -10.70 9.13
CA GLU A 171 -7.20 -10.81 7.83
C GLU A 171 -7.41 -12.29 7.48
N CYS A 172 -6.49 -13.17 7.88
CA CYS A 172 -6.59 -14.64 7.63
C CYS A 172 -7.61 -15.27 8.59
N GLN A 173 -7.67 -14.79 9.84
CA GLN A 173 -8.61 -15.31 10.88
C GLN A 173 -10.06 -14.98 10.51
N ILE A 174 -10.28 -13.78 9.97
CA ILE A 174 -11.59 -13.33 9.39
C ILE A 174 -12.01 -14.32 8.29
N SER A 175 -11.11 -14.61 7.34
CA SER A 175 -11.37 -15.43 6.13
C SER A 175 -11.55 -16.91 6.47
N ASN A 176 -11.34 -17.33 7.72
CA ASN A 176 -11.53 -18.73 8.20
C ASN A 176 -12.60 -18.78 9.30
N ASP A 177 -13.22 -17.63 9.62
CA ASP A 177 -14.30 -17.50 10.64
C ASP A 177 -15.65 -17.88 10.02
N ALA A 178 -16.18 -19.05 10.39
CA ALA A 178 -17.50 -19.56 9.97
C ALA A 178 -18.61 -18.59 10.40
N SER A 179 -18.48 -17.99 11.58
CA SER A 179 -19.53 -17.20 12.27
C SER A 179 -19.96 -15.97 11.46
N ILE A 180 -19.07 -15.40 10.64
CA ILE A 180 -19.38 -14.18 9.80
C ILE A 180 -19.55 -14.60 8.34
N ASP A 181 -20.70 -14.25 7.75
CA ASP A 181 -21.13 -14.63 6.38
C ASP A 181 -20.16 -14.04 5.35
N GLU A 182 -20.30 -14.45 4.10
CA GLU A 182 -19.30 -14.22 3.02
C GLU A 182 -19.26 -12.75 2.63
N THR A 183 -20.34 -11.99 2.83
CA THR A 183 -20.41 -10.53 2.53
C THR A 183 -19.59 -9.77 3.57
N GLU A 184 -19.83 -10.02 4.86
CA GLU A 184 -19.09 -9.41 6.00
C GLU A 184 -17.59 -9.64 5.76
N LYS A 185 -17.18 -10.91 5.61
CA LYS A 185 -15.79 -11.30 5.28
C LYS A 185 -15.24 -10.35 4.22
N HIS A 186 -15.88 -10.31 3.05
CA HIS A 186 -15.44 -9.52 1.86
C HIS A 186 -15.31 -8.04 2.24
N GLN A 187 -16.28 -7.47 2.97
CA GLN A 187 -16.38 -6.01 3.25
C GLN A 187 -15.40 -5.61 4.35
N LEU A 188 -15.10 -6.51 5.31
CA LEU A 188 -14.05 -6.31 6.35
C LEU A 188 -12.68 -6.27 5.68
N VAL A 189 -12.37 -7.28 4.86
CA VAL A 189 -11.07 -7.44 4.13
C VAL A 189 -10.84 -6.21 3.24
N LYS A 190 -11.88 -5.76 2.53
CA LYS A 190 -11.77 -4.64 1.57
C LYS A 190 -11.68 -3.32 2.35
N SER A 191 -12.34 -3.21 3.49
CA SER A 191 -12.28 -2.00 4.35
C SER A 191 -10.82 -1.71 4.74
N ARG A 192 -10.01 -2.75 4.93
CA ARG A 192 -8.57 -2.62 5.30
C ARG A 192 -7.84 -1.71 4.30
N ARG A 193 -7.95 -2.02 3.01
CA ARG A 193 -7.29 -1.27 1.91
C ARG A 193 -8.03 0.04 1.63
N GLY A 194 -9.07 0.36 2.40
CA GLY A 194 -9.94 1.54 2.20
C GLY A 194 -10.84 1.36 0.98
N GLN A 195 -11.44 0.17 0.84
CA GLN A 195 -12.31 -0.20 -0.29
C GLN A 195 -13.64 -0.76 0.24
N GLY A 196 -14.60 -0.97 -0.68
CA GLY A 196 -15.92 -1.53 -0.39
C GLY A 196 -16.83 -0.56 0.34
N ILE A 197 -17.80 -1.10 1.07
CA ILE A 197 -18.93 -0.34 1.69
C ILE A 197 -18.39 0.74 2.64
N PHE A 198 -17.24 0.49 3.28
CA PHE A 198 -16.56 1.45 4.18
C PHE A 198 -16.28 2.75 3.44
N ARG A 199 -15.74 2.62 2.22
CA ARG A 199 -15.38 3.77 1.35
C ARG A 199 -16.65 4.52 0.95
N SER A 200 -17.64 3.81 0.39
CA SER A 200 -18.98 4.37 0.06
C SER A 200 -19.45 5.25 1.23
N ARG A 201 -19.54 4.66 2.42
CA ARG A 201 -20.07 5.32 3.65
C ARG A 201 -19.24 6.55 4.01
N LEU A 202 -17.91 6.41 4.04
CA LEU A 202 -17.00 7.52 4.41
C LEU A 202 -17.33 8.74 3.54
N GLU A 203 -17.48 8.55 2.22
CA GLU A 203 -17.77 9.61 1.22
C GLU A 203 -19.07 10.34 1.59
N GLN A 204 -20.02 9.63 2.22
CA GLN A 204 -21.30 10.20 2.74
C GLN A 204 -20.97 11.32 3.74
N VAL A 205 -19.99 11.06 4.62
CA VAL A 205 -19.64 11.92 5.79
C VAL A 205 -18.67 13.01 5.33
N GLU A 206 -17.50 12.59 4.82
CA GLU A 206 -16.39 13.48 4.38
C GLU A 206 -16.42 13.60 2.86
N SER A 207 -15.86 14.69 2.33
CA SER A 207 -15.90 15.04 0.88
C SER A 207 -14.54 15.50 0.37
N ARG A 208 -13.54 15.73 1.24
CA ARG A 208 -12.23 16.28 0.82
C ARG A 208 -11.14 15.91 1.82
N CYS A 209 -9.88 15.94 1.37
CA CYS A 209 -8.68 15.89 2.24
C CYS A 209 -8.77 17.07 3.20
N ARG A 210 -8.94 16.79 4.49
CA ARG A 210 -9.15 17.83 5.53
C ARG A 210 -8.02 18.86 5.49
N VAL A 211 -6.80 18.43 5.12
CA VAL A 211 -5.54 19.23 5.20
C VAL A 211 -5.27 19.94 3.87
N THR A 212 -5.21 19.20 2.75
CA THR A 212 -4.75 19.68 1.43
C THR A 212 -5.90 20.34 0.64
N GLY A 213 -7.15 19.94 0.93
CA GLY A 213 -8.35 20.52 0.30
C GLY A 213 -8.82 19.73 -0.91
N VAL A 214 -7.98 18.85 -1.44
CA VAL A 214 -8.26 17.99 -2.63
C VAL A 214 -9.61 17.29 -2.41
N GLN A 215 -10.48 17.36 -3.43
CA GLN A 215 -11.87 16.85 -3.41
C GLN A 215 -11.97 15.65 -4.36
N LEU A 216 -11.04 15.54 -5.30
CA LEU A 216 -11.03 14.52 -6.38
C LEU A 216 -10.78 13.14 -5.77
N LYS A 217 -11.71 12.20 -6.00
CA LYS A 217 -11.78 10.88 -5.34
C LYS A 217 -10.55 10.03 -5.69
N ASN A 218 -10.00 10.19 -6.89
CA ASN A 218 -8.86 9.39 -7.41
C ASN A 218 -7.53 9.85 -6.81
N HIS A 219 -7.53 10.96 -6.06
CA HIS A 219 -6.32 11.51 -5.37
C HIS A 219 -6.55 11.57 -3.86
N LEU A 220 -7.49 10.78 -3.34
CA LEU A 220 -7.83 10.68 -1.90
C LEU A 220 -7.76 9.23 -1.45
N ILE A 221 -7.24 8.99 -0.24
CA ILE A 221 -7.15 7.66 0.42
C ILE A 221 -8.18 7.61 1.55
N ALA A 222 -8.92 6.51 1.66
CA ALA A 222 -9.95 6.26 2.69
C ALA A 222 -9.29 5.63 3.91
N SER A 223 -8.50 6.40 4.66
CA SER A 223 -7.84 5.95 5.91
C SER A 223 -8.89 5.87 7.02
N HIS A 224 -8.77 4.88 7.91
CA HIS A 224 -9.51 4.80 9.19
C HIS A 224 -8.88 5.78 10.19
N ILE A 225 -9.62 6.13 11.24
CA ILE A 225 -9.14 6.99 12.36
C ILE A 225 -8.59 6.05 13.44
N LYS A 226 -9.47 5.30 14.12
CA LYS A 226 -9.10 4.09 14.90
C LYS A 226 -8.64 3.02 13.90
N PRO A 227 -7.35 2.61 13.91
CA PRO A 227 -6.84 1.68 12.92
C PRO A 227 -7.72 0.43 12.72
N TRP A 228 -7.77 -0.04 11.47
CA TRP A 228 -8.46 -1.31 11.07
C TRP A 228 -8.11 -2.42 12.05
N ALA A 229 -6.81 -2.60 12.30
CA ALA A 229 -6.20 -3.71 13.08
C ALA A 229 -6.93 -3.96 14.40
N VAL A 230 -7.31 -2.89 15.14
CA VAL A 230 -7.87 -3.03 16.53
C VAL A 230 -9.34 -2.58 16.58
N SER A 231 -9.94 -2.24 15.44
CA SER A 231 -11.38 -1.89 15.35
C SER A 231 -12.22 -3.17 15.34
N ASN A 232 -13.38 -3.14 16.03
CA ASN A 232 -14.38 -4.24 15.98
C ASN A 232 -15.07 -4.17 14.62
N ASN A 233 -15.75 -5.23 14.21
CA ASN A 233 -16.35 -5.38 12.85
C ASN A 233 -17.32 -4.22 12.56
N GLN A 234 -17.96 -3.64 13.59
CA GLN A 234 -18.82 -2.44 13.43
C GLN A 234 -17.97 -1.25 12.99
N GLU A 235 -16.86 -1.00 13.70
CA GLU A 235 -16.00 0.20 13.55
C GLU A 235 -15.18 0.10 12.26
N ARG A 236 -14.88 -1.12 11.80
CA ARG A 236 -14.12 -1.38 10.53
C ARG A 236 -14.93 -0.89 9.33
N LEU A 237 -16.26 -0.83 9.46
CA LEU A 237 -17.19 -0.51 8.34
C LEU A 237 -17.96 0.79 8.63
N ASP A 238 -17.67 1.46 9.76
CA ASP A 238 -18.31 2.75 10.15
C ASP A 238 -17.70 3.87 9.29
N GLY A 239 -18.55 4.61 8.58
CA GLY A 239 -18.16 5.80 7.79
C GLY A 239 -17.57 6.90 8.66
N HIS A 240 -17.96 6.98 9.93
CA HIS A 240 -17.47 7.99 10.90
C HIS A 240 -16.09 7.61 11.43
N ASN A 241 -15.62 6.37 11.21
CA ASN A 241 -14.26 5.90 11.58
C ASN A 241 -13.36 6.02 10.35
N GLY A 242 -13.29 7.21 9.76
CA GLY A 242 -12.57 7.41 8.48
C GLY A 242 -12.34 8.86 8.17
N LEU A 243 -11.30 9.11 7.36
CA LEU A 243 -10.97 10.43 6.77
C LEU A 243 -10.51 10.21 5.33
N LEU A 244 -11.03 11.00 4.38
CA LEU A 244 -10.45 11.11 3.03
C LEU A 244 -9.20 11.99 3.14
N LEU A 245 -8.05 11.47 2.70
CA LEU A 245 -6.71 12.12 2.84
C LEU A 245 -5.90 11.94 1.55
N ALA A 246 -5.15 12.98 1.17
CA ALA A 246 -4.06 12.91 0.19
C ALA A 246 -3.05 11.88 0.68
N PRO A 247 -2.41 11.11 -0.23
CA PRO A 247 -1.51 10.02 0.17
C PRO A 247 -0.44 10.37 1.23
N HIS A 248 0.16 11.56 1.14
CA HIS A 248 1.25 12.02 2.05
C HIS A 248 0.67 12.37 3.42
N VAL A 249 -0.57 12.82 3.49
CA VAL A 249 -1.27 13.08 4.78
C VAL A 249 -1.69 11.72 5.36
N ASP A 250 -2.26 10.82 4.54
CA ASP A 250 -2.59 9.44 4.95
C ASP A 250 -1.36 8.81 5.61
N HIS A 251 -0.20 8.92 4.94
CA HIS A 251 1.12 8.43 5.42
C HIS A 251 1.37 8.94 6.83
N LEU A 252 1.37 10.27 7.00
CA LEU A 252 1.72 10.96 8.26
C LEU A 252 0.73 10.59 9.37
N PHE A 253 -0.56 10.47 9.03
CA PHE A 253 -1.66 10.24 9.99
C PHE A 253 -1.74 8.74 10.36
N ASP A 254 -1.64 7.87 9.36
CA ASP A 254 -1.77 6.40 9.53
C ASP A 254 -0.66 5.90 10.45
N LYS A 255 0.51 6.54 10.43
CA LYS A 255 1.71 6.13 11.21
C LYS A 255 1.84 6.96 12.50
N GLY A 256 1.03 8.02 12.64
CA GLY A 256 0.90 8.79 13.90
C GLY A 256 1.90 9.92 14.01
N PHE A 257 2.45 10.37 12.88
CA PHE A 257 3.37 11.54 12.79
C PHE A 257 2.57 12.82 13.05
N ILE A 258 1.31 12.86 12.59
CA ILE A 258 0.31 13.91 12.93
C ILE A 258 -0.93 13.23 13.51
N SER A 259 -1.65 13.94 14.39
CA SER A 259 -3.05 13.63 14.79
C SER A 259 -3.85 14.93 14.79
N PHE A 260 -5.04 14.92 15.40
CA PHE A 260 -5.93 16.10 15.52
C PHE A 260 -6.60 16.06 16.89
N GLU A 261 -6.81 17.24 17.47
CA GLU A 261 -7.74 17.44 18.62
C GLU A 261 -9.17 17.30 18.09
N ASP A 262 -10.15 17.30 18.99
CA ASP A 262 -11.59 17.21 18.65
C ASP A 262 -12.02 18.46 17.85
N ASN A 263 -11.29 19.57 18.02
CA ASN A 263 -11.65 20.91 17.47
C ASN A 263 -11.09 21.08 16.06
N GLY A 264 -10.21 20.17 15.60
CA GLY A 264 -9.61 20.21 14.25
C GLY A 264 -8.15 20.63 14.29
N GLU A 265 -7.68 21.14 15.43
CA GLU A 265 -6.27 21.59 15.63
C GLU A 265 -5.34 20.42 15.31
N MET A 266 -4.38 20.62 14.40
CA MET A 266 -3.35 19.60 14.08
C MET A 266 -2.39 19.49 15.25
N ILE A 267 -2.10 18.25 15.68
CA ILE A 267 -1.04 17.93 16.67
C ILE A 267 0.11 17.26 15.92
N VAL A 268 1.32 17.79 16.06
CA VAL A 268 2.54 17.30 15.36
C VAL A 268 3.40 16.54 16.38
N SER A 269 3.76 15.29 16.09
CA SER A 269 4.59 14.45 16.98
C SER A 269 6.02 14.99 17.04
N GLU A 270 6.74 14.65 18.11
CA GLU A 270 8.18 15.00 18.32
C GLU A 270 9.03 14.19 17.32
N LYS A 271 8.51 13.06 16.83
CA LYS A 271 9.20 12.12 15.92
C LYS A 271 9.12 12.61 14.46
N LEU A 272 8.28 13.61 14.15
CA LEU A 272 8.14 14.14 12.77
C LEU A 272 9.05 15.34 12.60
N ASN A 273 10.04 15.23 11.71
CA ASN A 273 10.97 16.34 11.36
C ASN A 273 10.18 17.43 10.64
N LEU A 274 9.96 18.58 11.29
CA LEU A 274 9.12 19.70 10.78
C LEU A 274 9.55 20.10 9.36
N ASP A 275 10.82 19.86 9.00
CA ASP A 275 11.36 19.99 7.62
C ASP A 275 10.40 19.33 6.62
N VAL A 276 9.86 18.15 6.96
CA VAL A 276 8.93 17.37 6.08
C VAL A 276 7.77 18.28 5.66
N LEU A 277 7.11 18.91 6.63
CA LEU A 277 5.89 19.73 6.43
C LEU A 277 6.21 20.93 5.54
N LYS A 278 7.35 21.60 5.79
CA LYS A 278 7.84 22.75 4.99
C LYS A 278 8.05 22.32 3.54
N ALA A 279 8.68 21.15 3.33
CA ALA A 279 8.99 20.57 2.00
C ALA A 279 7.71 20.21 1.25
N TRP A 280 6.64 19.83 1.96
CA TRP A 280 5.30 19.47 1.40
C TRP A 280 4.29 20.60 1.61
N SER A 281 4.73 21.80 2.01
CA SER A 281 3.88 23.01 2.18
C SER A 281 2.58 22.64 2.90
N ILE A 282 2.70 22.04 4.08
CA ILE A 282 1.58 21.74 5.03
C ILE A 282 1.78 22.63 6.27
N SER A 283 0.79 23.44 6.62
CA SER A 283 0.80 24.30 7.83
C SER A 283 0.17 23.55 9.00
N GLN A 284 0.60 23.83 10.23
CA GLN A 284 -0.14 23.48 11.46
C GLN A 284 -1.37 24.39 11.52
N GLY A 285 -2.27 24.17 12.48
CA GLY A 285 -3.51 24.95 12.62
C GLY A 285 -4.74 24.06 12.58
N ASN A 286 -5.92 24.70 12.39
CA ASN A 286 -7.25 24.08 12.51
C ASN A 286 -7.69 23.56 11.13
N TYR A 287 -8.02 22.26 11.04
CA TYR A 287 -8.48 21.60 9.79
C TYR A 287 -9.93 21.11 9.99
N GLY A 288 -10.76 22.02 10.52
CA GLY A 288 -12.22 21.87 10.59
C GLY A 288 -12.64 20.93 11.70
N TYR A 289 -13.92 20.99 12.08
CA TYR A 289 -14.48 20.34 13.29
C TYR A 289 -14.94 18.93 12.93
N PHE A 290 -15.00 18.04 13.93
CA PHE A 290 -15.35 16.60 13.78
C PHE A 290 -16.71 16.36 14.43
N SER A 291 -17.49 15.41 13.89
CA SER A 291 -18.75 14.92 14.50
C SER A 291 -18.43 14.25 15.84
N LYS A 292 -19.43 14.07 16.70
CA LYS A 292 -19.24 13.44 18.03
C LYS A 292 -18.68 12.02 17.85
N GLN A 293 -19.27 11.24 16.94
CA GLN A 293 -18.84 9.85 16.63
C GLN A 293 -17.39 9.86 16.13
N GLN A 294 -17.02 10.87 15.33
CA GLN A 294 -15.63 11.07 14.81
C GLN A 294 -14.69 11.38 15.98
N GLN A 295 -15.11 12.22 16.93
CA GLN A 295 -14.27 12.69 18.07
C GLN A 295 -13.91 11.52 18.99
N GLU A 296 -14.84 10.57 19.17
CA GLU A 296 -14.62 9.30 19.91
C GLU A 296 -13.39 8.59 19.32
N TYR A 297 -13.39 8.40 18.00
CA TYR A 297 -12.37 7.66 17.22
C TYR A 297 -11.06 8.43 17.18
N MET A 298 -11.13 9.74 16.92
CA MET A 298 -9.93 10.63 16.82
C MET A 298 -9.20 10.62 18.17
N CYS A 299 -9.93 10.47 19.27
CA CYS A 299 -9.35 10.38 20.63
C CYS A 299 -8.47 9.13 20.75
N TYR A 300 -9.02 7.95 20.41
CA TYR A 300 -8.30 6.66 20.44
C TYR A 300 -6.99 6.83 19.65
N HIS A 301 -7.06 7.48 18.49
CA HIS A 301 -5.89 7.76 17.61
C HIS A 301 -4.84 8.54 18.38
N ARG A 302 -5.22 9.65 19.01
CA ARG A 302 -4.29 10.52 19.79
C ARG A 302 -3.52 9.65 20.80
N GLU A 303 -4.24 8.80 21.53
CA GLU A 303 -3.71 8.08 22.73
C GLU A 303 -2.96 6.81 22.32
N ASN A 304 -3.25 6.23 21.15
CA ASN A 304 -2.79 4.86 20.79
C ASN A 304 -1.93 4.87 19.50
N VAL A 305 -2.20 5.75 18.54
CA VAL A 305 -1.50 5.76 17.22
C VAL A 305 -0.47 6.90 17.23
N PHE A 306 -0.91 8.12 17.51
CA PHE A 306 -0.09 9.36 17.54
C PHE A 306 1.14 9.14 18.42
N LYS A 307 2.33 9.26 17.80
CA LYS A 307 3.64 8.98 18.44
C LYS A 307 3.97 10.08 19.45
N LYS A 308 3.98 9.76 20.75
CA LYS A 308 4.51 10.65 21.82
C LYS A 308 5.81 10.02 22.34
N LEU A 309 6.70 10.80 22.95
CA LEU A 309 7.98 10.30 23.53
C LEU A 309 7.84 10.21 25.06
N MET B 1 -9.98 -3.06 -18.37
CA MET B 1 -11.11 -2.70 -17.47
C MET B 1 -12.40 -2.66 -18.31
N ASN B 2 -13.43 -3.38 -17.86
CA ASN B 2 -14.75 -3.48 -18.54
C ASN B 2 -15.74 -2.56 -17.82
N TYR B 3 -16.67 -1.97 -18.56
CA TYR B 3 -17.77 -1.12 -18.04
C TYR B 3 -19.08 -1.91 -18.10
N TRP B 4 -20.02 -1.57 -17.21
CA TRP B 4 -21.34 -2.23 -17.06
C TRP B 4 -22.43 -1.21 -16.74
N TRP B 5 -23.63 -1.46 -17.26
CA TRP B 5 -24.89 -0.74 -16.95
C TRP B 5 -25.79 -1.68 -16.15
N VAL B 6 -26.18 -1.27 -14.93
CA VAL B 6 -27.05 -2.08 -14.04
C VAL B 6 -28.33 -1.28 -13.78
N SER B 7 -29.44 -1.72 -14.39
CA SER B 7 -30.81 -1.17 -14.18
C SER B 7 -31.33 -1.67 -12.82
N GLN B 8 -31.59 -0.77 -11.88
CA GLN B 8 -31.85 -1.10 -10.46
C GLN B 8 -33.14 -0.41 -9.99
N LYS B 9 -34.10 -0.18 -10.88
CA LYS B 9 -35.30 0.65 -10.55
C LYS B 9 -36.08 0.01 -9.39
N GLN B 10 -36.08 -1.32 -9.26
CA GLN B 10 -36.96 -2.05 -8.29
C GLN B 10 -36.35 -2.00 -6.88
N THR B 11 -35.02 -2.01 -6.75
CA THR B 11 -34.29 -2.34 -5.50
C THR B 11 -33.01 -1.52 -5.32
N PHE B 12 -32.94 -0.28 -5.82
CA PHE B 12 -31.68 0.51 -5.80
C PHE B 12 -31.29 0.85 -4.35
N LYS B 13 -32.25 1.34 -3.56
CA LYS B 13 -32.02 1.71 -2.13
C LYS B 13 -31.36 0.53 -1.42
N GLN B 14 -31.94 -0.67 -1.55
CA GLN B 14 -31.50 -1.90 -0.83
C GLN B 14 -30.07 -2.28 -1.26
N GLU B 15 -29.77 -2.13 -2.56
CA GLU B 15 -28.49 -2.58 -3.19
C GLU B 15 -27.37 -1.58 -2.85
N PHE B 16 -27.67 -0.28 -2.83
CA PHE B 16 -26.72 0.81 -2.47
C PHE B 16 -26.43 0.77 -0.96
N GLU B 17 -27.49 0.64 -0.16
CA GLU B 17 -27.40 0.55 1.33
C GLU B 17 -26.65 -0.72 1.73
N GLY B 18 -26.82 -1.79 0.94
CA GLY B 18 -26.15 -3.08 1.16
C GLY B 18 -24.78 -3.15 0.52
N GLY B 19 -24.42 -2.17 -0.34
CA GLY B 19 -23.15 -2.14 -1.08
C GLY B 19 -22.96 -3.40 -1.91
N TYR B 20 -24.00 -3.81 -2.64
CA TYR B 20 -24.01 -5.06 -3.45
C TYR B 20 -24.85 -4.88 -4.72
N MET B 21 -24.48 -5.66 -5.74
CA MET B 21 -25.35 -6.06 -6.87
C MET B 21 -25.82 -7.48 -6.60
N TRP B 22 -27.07 -7.79 -6.93
CA TRP B 22 -27.65 -9.16 -6.83
C TRP B 22 -28.66 -9.39 -7.95
N SER B 23 -28.60 -10.59 -8.54
CA SER B 23 -29.55 -11.11 -9.54
C SER B 23 -29.79 -12.59 -9.27
N PRO B 24 -30.88 -13.18 -9.80
CA PRO B 24 -31.01 -14.64 -9.85
C PRO B 24 -29.89 -15.20 -10.74
N LYS B 25 -29.73 -16.53 -10.73
CA LYS B 25 -28.75 -17.24 -11.59
C LYS B 25 -29.35 -17.44 -12.99
N GLU B 26 -30.67 -17.73 -13.06
CA GLU B 26 -31.42 -18.06 -14.31
C GLU B 26 -32.79 -17.37 -14.27
N ASN B 27 -33.56 -17.45 -15.37
CA ASN B 27 -34.95 -16.93 -15.43
C ASN B 27 -35.90 -17.97 -14.81
N LYS B 28 -37.13 -17.55 -14.47
CA LYS B 28 -38.04 -18.30 -13.54
C LYS B 28 -38.58 -19.59 -14.18
N ASN B 29 -38.00 -20.02 -15.31
CA ASN B 29 -38.32 -21.32 -15.97
C ASN B 29 -37.04 -22.15 -16.10
N GLY B 30 -35.97 -21.80 -15.38
CA GLY B 30 -34.68 -22.51 -15.38
C GLY B 30 -33.78 -22.12 -16.56
N THR B 31 -34.26 -21.32 -17.52
CA THR B 31 -33.56 -21.01 -18.80
C THR B 31 -32.43 -20.01 -18.55
N GLN B 32 -31.39 -20.04 -19.41
CA GLN B 32 -30.21 -19.15 -19.39
C GLN B 32 -30.60 -17.70 -19.72
N SER B 33 -30.07 -16.74 -18.95
CA SER B 33 -30.20 -15.27 -19.16
C SER B 33 -28.81 -14.67 -19.38
N HIS B 34 -28.56 -14.08 -20.55
CA HIS B 34 -27.28 -13.39 -20.89
C HIS B 34 -26.99 -12.29 -19.87
N TYR B 35 -28.05 -11.64 -19.36
CA TYR B 35 -28.01 -10.52 -18.40
C TYR B 35 -27.48 -11.00 -17.04
N TYR B 36 -28.06 -12.08 -16.51
CA TYR B 36 -27.64 -12.73 -15.23
C TYR B 36 -26.26 -13.39 -15.45
N ASN B 37 -26.02 -13.95 -16.64
CA ASN B 37 -24.69 -14.50 -17.05
C ASN B 37 -23.63 -13.41 -16.90
N ASN B 38 -23.93 -12.19 -17.36
CA ASN B 38 -22.99 -11.05 -17.32
C ASN B 38 -22.43 -10.90 -15.89
N MET B 39 -23.20 -11.23 -14.84
CA MET B 39 -22.77 -11.15 -13.42
C MET B 39 -21.42 -11.84 -13.25
N THR B 40 -21.21 -12.98 -13.90
CA THR B 40 -20.03 -13.86 -13.71
C THR B 40 -18.82 -13.32 -14.47
N LEU B 41 -18.99 -12.34 -15.37
CA LEU B 41 -17.89 -11.74 -16.17
C LEU B 41 -17.43 -10.42 -15.55
N VAL B 42 -18.09 -9.94 -14.49
CA VAL B 42 -17.73 -8.70 -13.76
C VAL B 42 -16.43 -8.96 -12.99
N GLN B 43 -15.39 -8.18 -13.30
CA GLN B 43 -14.06 -8.26 -12.63
C GLN B 43 -13.99 -7.21 -11.53
N PRO B 44 -13.36 -7.52 -10.37
CA PRO B 44 -12.90 -6.48 -9.45
C PRO B 44 -12.32 -5.31 -10.24
N GLY B 45 -12.69 -4.08 -9.88
CA GLY B 45 -12.16 -2.86 -10.50
C GLY B 45 -12.88 -2.49 -11.79
N ASP B 46 -13.84 -3.32 -12.24
CA ASP B 46 -14.73 -2.97 -13.37
C ASP B 46 -15.72 -1.90 -12.88
N VAL B 47 -15.99 -0.91 -13.73
CA VAL B 47 -16.90 0.23 -13.45
C VAL B 47 -18.34 -0.21 -13.78
N VAL B 48 -19.29 0.13 -12.91
CA VAL B 48 -20.73 -0.26 -13.03
C VAL B 48 -21.60 0.98 -12.82
N PHE B 49 -22.30 1.44 -13.87
CA PHE B 49 -23.25 2.57 -13.82
C PHE B 49 -24.59 2.07 -13.28
N SER B 50 -25.03 2.63 -12.13
CA SER B 50 -26.34 2.37 -11.50
C SER B 50 -27.40 3.27 -12.14
N PHE B 51 -28.43 2.66 -12.73
CA PHE B 51 -29.53 3.34 -13.46
C PHE B 51 -30.86 2.99 -12.77
N ALA B 52 -31.61 4.01 -12.34
CA ALA B 52 -32.93 3.84 -11.67
C ALA B 52 -33.76 5.12 -11.80
N ASN B 53 -35.05 4.97 -12.15
CA ASN B 53 -36.00 6.08 -12.37
C ASN B 53 -35.42 7.04 -13.40
N GLY B 54 -34.85 6.48 -14.48
CA GLY B 54 -34.41 7.20 -15.68
C GLY B 54 -33.08 7.91 -15.49
N LEU B 55 -32.40 7.72 -14.35
CA LEU B 55 -31.21 8.51 -13.93
C LEU B 55 -30.03 7.59 -13.62
N ILE B 56 -28.81 8.03 -13.89
CA ILE B 56 -27.53 7.40 -13.43
C ILE B 56 -27.15 8.01 -12.07
N LEU B 57 -27.22 7.21 -11.00
CA LEU B 57 -27.06 7.68 -9.60
C LEU B 57 -25.66 7.37 -9.07
N SER B 58 -24.99 6.35 -9.62
CA SER B 58 -23.70 5.82 -9.13
C SER B 58 -22.78 5.51 -10.32
N VAL B 59 -21.50 5.87 -10.19
CA VAL B 59 -20.38 5.23 -10.93
C VAL B 59 -19.72 4.27 -9.94
N GLY B 60 -20.02 2.97 -10.06
CA GLY B 60 -19.60 1.94 -9.10
C GLY B 60 -18.28 1.29 -9.49
N ILE B 61 -17.49 0.85 -8.50
CA ILE B 61 -16.32 -0.06 -8.69
C ILE B 61 -16.68 -1.40 -8.06
N ALA B 62 -16.56 -2.49 -8.83
CA ALA B 62 -16.80 -3.87 -8.36
C ALA B 62 -15.62 -4.31 -7.49
N ARG B 63 -15.90 -4.85 -6.29
CA ARG B 63 -14.87 -5.28 -5.31
C ARG B 63 -14.94 -6.80 -5.13
N SER B 64 -15.56 -7.51 -6.08
CA SER B 64 -15.72 -8.99 -6.06
C SER B 64 -16.05 -9.52 -7.46
N HIS B 65 -15.67 -10.77 -7.73
CA HIS B 65 -16.31 -11.65 -8.74
C HIS B 65 -17.67 -12.07 -8.18
N ALA B 66 -18.62 -12.45 -9.02
CA ALA B 66 -19.98 -12.89 -8.60
C ALA B 66 -19.85 -14.15 -7.74
N TYR B 67 -20.48 -14.18 -6.55
CA TYR B 67 -20.47 -15.33 -5.59
C TYR B 67 -21.92 -15.75 -5.27
N SER B 68 -22.11 -17.07 -5.12
CA SER B 68 -23.42 -17.74 -4.89
C SER B 68 -24.03 -17.25 -3.57
N TYR B 69 -25.12 -16.47 -3.65
CA TYR B 69 -25.84 -15.88 -2.49
C TYR B 69 -27.36 -15.94 -2.74
N ASN B 70 -28.14 -16.17 -1.69
N ASN B 70 -28.12 -16.15 -1.66
CA ASN B 70 -29.62 -16.22 -1.78
CA ASN B 70 -29.61 -16.19 -1.61
C ASN B 70 -30.16 -14.80 -1.83
C ASN B 70 -30.16 -14.77 -1.82
N LYS B 71 -31.42 -14.65 -2.26
CA LYS B 71 -32.10 -13.33 -2.41
C LYS B 71 -31.98 -12.55 -1.10
N PRO B 72 -31.68 -11.24 -1.14
CA PRO B 72 -31.74 -10.40 0.06
C PRO B 72 -33.18 -10.37 0.62
N THR B 73 -33.32 -10.62 1.93
CA THR B 73 -34.62 -10.64 2.64
C THR B 73 -35.25 -9.25 2.59
N GLU B 74 -34.44 -8.18 2.48
CA GLU B 74 -34.91 -6.76 2.55
C GLU B 74 -35.56 -6.33 1.23
N PHE B 75 -35.54 -7.17 0.19
CA PHE B 75 -36.19 -6.90 -1.12
C PHE B 75 -37.72 -6.89 -0.96
N GLY B 76 -38.25 -7.79 -0.12
CA GLY B 76 -39.70 -7.87 0.20
C GLY B 76 -40.55 -8.21 -1.01
N VAL B 77 -41.64 -7.46 -1.22
CA VAL B 77 -42.59 -7.62 -2.36
C VAL B 77 -41.86 -7.35 -3.68
N ALA B 78 -41.05 -6.28 -3.72
CA ALA B 78 -40.44 -5.70 -4.94
C ALA B 78 -39.65 -6.75 -5.73
N GLY B 79 -39.20 -7.83 -5.06
CA GLY B 79 -38.43 -8.92 -5.68
C GLY B 79 -38.97 -10.29 -5.32
N ALA B 80 -40.29 -10.43 -5.20
CA ALA B 80 -40.98 -11.71 -4.92
C ALA B 80 -40.87 -12.65 -6.13
N ASP B 81 -40.78 -12.09 -7.35
CA ASP B 81 -40.76 -12.83 -8.64
C ASP B 81 -39.44 -13.59 -8.82
N TRP B 82 -38.34 -13.10 -8.25
CA TRP B 82 -36.97 -13.63 -8.49
C TRP B 82 -36.75 -14.91 -7.68
N ALA B 83 -36.18 -15.93 -8.34
CA ALA B 83 -35.68 -17.17 -7.70
C ALA B 83 -34.80 -16.79 -6.51
N ASN B 84 -34.74 -17.63 -5.49
CA ASN B 84 -33.90 -17.42 -4.27
C ASN B 84 -32.41 -17.57 -4.64
N ASP B 85 -32.04 -18.67 -5.30
CA ASP B 85 -30.64 -18.95 -5.75
C ASP B 85 -30.20 -17.82 -6.69
N GLY B 86 -29.17 -17.06 -6.31
CA GLY B 86 -28.74 -15.84 -7.04
C GLY B 86 -27.24 -15.62 -7.03
N TRP B 87 -26.77 -14.72 -7.91
CA TRP B 87 -25.39 -14.17 -7.92
C TRP B 87 -25.37 -12.87 -7.09
N LYS B 88 -24.32 -12.66 -6.30
CA LYS B 88 -24.07 -11.39 -5.56
C LYS B 88 -22.67 -10.88 -5.90
N ILE B 89 -22.56 -9.57 -6.12
CA ILE B 89 -21.29 -8.83 -6.29
C ILE B 89 -21.25 -7.70 -5.26
N ASP B 90 -20.11 -7.51 -4.60
CA ASP B 90 -19.83 -6.34 -3.73
C ASP B 90 -19.49 -5.18 -4.65
N LEU B 91 -20.28 -4.11 -4.59
CA LEU B 91 -20.10 -2.89 -5.42
C LEU B 91 -19.76 -1.72 -4.51
N GLU B 92 -18.58 -1.15 -4.70
CA GLU B 92 -18.16 0.14 -4.11
C GLU B 92 -19.00 1.23 -4.79
N TYR B 93 -20.16 1.57 -4.21
CA TYR B 93 -21.05 2.63 -4.71
C TYR B 93 -20.30 3.96 -4.58
N HIS B 94 -20.40 4.80 -5.62
CA HIS B 94 -20.01 6.22 -5.59
C HIS B 94 -21.17 7.05 -6.16
N LEU B 95 -21.95 7.68 -5.27
CA LEU B 95 -23.02 8.63 -5.64
C LEU B 95 -22.40 9.81 -6.38
N VAL B 96 -23.12 10.36 -7.35
CA VAL B 96 -22.69 11.50 -8.18
C VAL B 96 -23.74 12.60 -8.04
N GLU B 97 -23.31 13.83 -7.72
CA GLU B 97 -24.17 15.03 -7.59
C GLU B 97 -24.88 15.24 -8.94
N ASN B 98 -24.12 15.15 -10.05
CA ASN B 98 -24.65 15.34 -11.43
C ASN B 98 -25.23 14.00 -11.93
N LYS B 99 -26.50 13.75 -11.62
CA LYS B 99 -27.24 12.55 -12.09
C LYS B 99 -27.81 12.84 -13.48
N ILE B 100 -27.15 12.35 -14.54
CA ILE B 100 -27.62 12.54 -15.94
C ILE B 100 -28.83 11.63 -16.19
N ARG B 101 -29.84 12.15 -16.89
CA ARG B 101 -30.99 11.39 -17.46
C ARG B 101 -30.61 11.04 -18.89
N PRO B 102 -30.15 9.78 -19.16
CA PRO B 102 -29.58 9.43 -20.45
C PRO B 102 -30.55 9.79 -21.58
N LYS B 103 -31.84 9.48 -21.40
CA LYS B 103 -32.87 9.67 -22.45
C LYS B 103 -32.74 11.09 -23.02
N ALA B 104 -32.49 12.07 -22.14
CA ALA B 104 -32.46 13.51 -22.48
C ALA B 104 -31.21 13.88 -23.30
N HIS B 105 -30.26 12.93 -23.45
CA HIS B 105 -29.01 13.10 -24.24
C HIS B 105 -28.92 12.03 -25.33
N ILE B 106 -30.05 11.45 -25.73
CA ILE B 106 -30.11 10.24 -26.60
C ILE B 106 -29.46 10.54 -27.95
N ASP B 107 -29.63 11.77 -28.43
CA ASP B 107 -29.07 12.28 -29.71
C ASP B 107 -27.54 12.08 -29.69
N PHE B 108 -26.89 12.35 -28.55
CA PHE B 108 -25.44 12.21 -28.36
C PHE B 108 -25.02 10.74 -28.21
N ILE B 109 -25.84 9.96 -27.49
CA ILE B 109 -25.55 8.56 -27.05
C ILE B 109 -25.78 7.59 -28.21
N ARG B 110 -26.99 7.60 -28.80
CA ARG B 110 -27.54 6.54 -29.69
C ARG B 110 -26.44 5.92 -30.56
N PRO B 111 -25.61 6.71 -31.28
CA PRO B 111 -24.57 6.13 -32.14
C PRO B 111 -23.59 5.17 -31.48
N TYR B 112 -23.44 5.25 -30.15
CA TYR B 112 -22.47 4.45 -29.37
C TYR B 112 -23.18 3.31 -28.64
N LEU B 113 -24.51 3.19 -28.75
CA LEU B 113 -25.29 2.03 -28.25
C LEU B 113 -24.88 0.79 -29.05
N PRO B 114 -24.72 -0.39 -28.43
CA PRO B 114 -24.44 -1.62 -29.17
C PRO B 114 -25.74 -2.17 -29.78
N GLN B 115 -25.66 -2.86 -30.91
CA GLN B 115 -26.84 -3.36 -31.67
C GLN B 115 -27.61 -4.36 -30.79
N LYS B 116 -26.93 -5.30 -30.13
CA LYS B 116 -27.55 -6.32 -29.26
C LYS B 116 -27.22 -6.02 -27.80
N TYR B 117 -28.16 -6.30 -26.91
CA TYR B 117 -28.02 -6.15 -25.44
C TYR B 117 -27.74 -4.70 -25.07
N SER B 118 -28.32 -3.75 -25.80
CA SER B 118 -28.26 -2.31 -25.42
C SER B 118 -29.08 -2.13 -24.14
N PRO B 119 -28.61 -1.32 -23.17
CA PRO B 119 -29.41 -1.00 -21.99
C PRO B 119 -30.57 -0.07 -22.36
N LEU B 120 -30.39 0.75 -23.42
CA LEU B 120 -31.36 1.74 -23.93
C LEU B 120 -31.86 1.30 -25.31
N GLN B 121 -33.15 1.54 -25.59
CA GLN B 121 -33.75 1.46 -26.94
C GLN B 121 -33.29 2.69 -27.73
N ASP B 122 -33.66 2.80 -29.01
CA ASP B 122 -33.20 3.91 -29.88
C ASP B 122 -33.87 5.22 -29.48
N ASN B 123 -35.03 5.16 -28.82
CA ASN B 123 -35.76 6.34 -28.28
C ASN B 123 -35.16 6.78 -26.94
N GLY B 124 -34.31 5.96 -26.32
CA GLY B 124 -33.57 6.26 -25.08
C GLY B 124 -34.29 5.75 -23.84
N ASN B 125 -35.32 4.92 -24.00
CA ASN B 125 -36.04 4.24 -22.89
C ASN B 125 -35.22 3.02 -22.47
N GLY B 126 -34.98 2.87 -21.17
CA GLY B 126 -34.29 1.71 -20.60
C GLY B 126 -34.98 0.42 -20.99
N ASN B 127 -34.20 -0.60 -21.36
CA ASN B 127 -34.68 -1.99 -21.58
C ASN B 127 -34.95 -2.64 -20.21
N GLN B 128 -35.94 -3.54 -20.18
CA GLN B 128 -36.32 -4.33 -18.98
C GLN B 128 -35.37 -5.53 -18.84
N ALA B 129 -34.22 -5.31 -18.22
CA ALA B 129 -33.23 -6.34 -17.82
C ALA B 129 -32.25 -5.71 -16.82
N TYR B 130 -31.53 -6.55 -16.07
CA TYR B 130 -30.76 -6.14 -14.85
C TYR B 130 -29.39 -5.57 -15.20
N LEU B 131 -28.61 -6.27 -16.02
CA LEU B 131 -27.17 -5.95 -16.24
C LEU B 131 -26.80 -6.12 -17.72
N PHE B 132 -26.13 -5.11 -18.29
CA PHE B 132 -25.67 -5.06 -19.70
C PHE B 132 -24.18 -4.69 -19.75
N SER B 133 -23.45 -5.24 -20.72
CA SER B 133 -22.10 -4.79 -21.13
C SER B 133 -22.20 -3.35 -21.68
N VAL B 134 -21.23 -2.49 -21.36
CA VAL B 134 -21.08 -1.13 -21.92
C VAL B 134 -19.76 -1.07 -22.68
N PRO B 135 -19.78 -0.99 -24.04
CA PRO B 135 -18.55 -0.80 -24.82
C PRO B 135 -17.82 0.48 -24.44
N HIS B 136 -16.48 0.43 -24.38
CA HIS B 136 -15.59 1.49 -23.84
C HIS B 136 -15.88 2.83 -24.54
N GLU B 137 -16.29 2.77 -25.81
CA GLU B 137 -16.62 3.95 -26.62
C GLU B 137 -17.88 4.62 -26.06
N LEU B 138 -18.92 3.83 -25.79
CA LEU B 138 -20.18 4.29 -25.13
C LEU B 138 -19.84 4.79 -23.72
N ALA B 139 -19.12 3.97 -22.96
CA ALA B 139 -18.64 4.30 -21.59
C ALA B 139 -18.07 5.73 -21.59
N SER B 140 -17.17 6.03 -22.52
CA SER B 140 -16.43 7.32 -22.61
C SER B 140 -17.40 8.50 -22.76
N LYS B 141 -18.57 8.26 -23.37
CA LYS B 141 -19.60 9.30 -23.63
C LYS B 141 -20.44 9.54 -22.36
N VAL B 142 -20.92 8.47 -21.74
CA VAL B 142 -21.63 8.53 -20.43
C VAL B 142 -20.76 9.34 -19.45
N VAL B 143 -19.49 8.96 -19.33
CA VAL B 143 -18.47 9.63 -18.47
C VAL B 143 -18.42 11.13 -18.80
N GLU B 144 -18.34 11.48 -20.10
CA GLU B 144 -18.26 12.88 -20.59
C GLU B 144 -19.46 13.67 -20.05
N LEU B 145 -20.64 13.06 -20.00
CA LEU B 145 -21.92 13.73 -19.62
C LEU B 145 -21.97 13.98 -18.10
N ILE B 146 -21.58 12.97 -17.31
CA ILE B 146 -21.57 13.01 -15.82
C ILE B 146 -20.46 13.98 -15.38
N GLY B 147 -19.42 14.15 -16.20
CA GLY B 147 -18.33 15.10 -15.96
C GLY B 147 -17.36 14.58 -14.91
N SER B 148 -16.60 15.48 -14.29
CA SER B 148 -15.40 15.19 -13.46
C SER B 148 -15.59 13.93 -12.63
N GLU B 149 -16.68 13.89 -11.84
CA GLU B 149 -16.85 12.96 -10.69
C GLU B 149 -17.12 11.53 -11.18
N ALA B 150 -17.15 11.29 -12.50
CA ALA B 150 -17.08 9.94 -13.11
C ALA B 150 -15.59 9.62 -13.41
N GLU B 151 -14.85 10.57 -13.99
CA GLU B 151 -13.38 10.45 -14.24
C GLU B 151 -12.67 10.20 -12.91
N GLU B 152 -13.11 10.89 -11.85
CA GLU B 152 -12.58 10.75 -10.47
C GLU B 152 -12.56 9.27 -10.06
N VAL B 153 -13.59 8.50 -10.41
CA VAL B 153 -13.79 7.09 -9.94
C VAL B 153 -12.94 6.12 -10.78
N ILE B 154 -12.62 6.50 -12.01
CA ILE B 154 -11.98 5.62 -13.04
C ILE B 154 -10.46 5.78 -13.00
N PHE B 155 -9.97 6.94 -13.46
CA PHE B 155 -8.55 7.20 -13.81
C PHE B 155 -7.69 7.30 -12.54
N GLY B 156 -6.80 6.32 -12.36
CA GLY B 156 -5.90 6.22 -11.20
C GLY B 156 -6.63 5.70 -9.98
N PHE B 157 -7.69 4.91 -10.20
CA PHE B 157 -8.57 4.36 -9.13
C PHE B 157 -9.06 2.97 -9.56
N ALA B 158 -10.20 2.91 -10.25
CA ALA B 158 -10.82 1.64 -10.72
C ALA B 158 -9.83 0.92 -11.63
N ASP B 159 -9.19 1.65 -12.55
CA ASP B 159 -8.35 1.09 -13.64
C ASP B 159 -6.98 0.68 -13.10
N THR B 160 -6.71 0.91 -11.81
CA THR B 160 -5.49 0.45 -11.09
C THR B 160 -5.73 -0.90 -10.43
N THR B 161 -7.00 -1.24 -10.14
CA THR B 161 -7.38 -2.47 -9.41
C THR B 161 -6.98 -3.70 -10.24
N GLU B 162 -7.18 -3.68 -11.56
CA GLU B 162 -6.84 -4.82 -12.45
C GLU B 162 -5.32 -4.98 -12.57
N ILE B 163 -4.58 -3.86 -12.59
CA ILE B 163 -3.09 -3.86 -12.56
C ILE B 163 -2.64 -4.66 -11.33
N THR B 164 -3.11 -4.24 -10.15
CA THR B 164 -2.85 -4.86 -8.82
C THR B 164 -3.09 -6.38 -8.89
N THR B 165 -4.20 -6.78 -9.52
CA THR B 165 -4.61 -8.19 -9.71
C THR B 165 -3.53 -8.93 -10.51
N THR B 166 -3.06 -8.32 -11.61
CA THR B 166 -2.04 -8.90 -12.52
C THR B 166 -0.71 -9.06 -11.77
N ALA B 167 -0.37 -8.11 -10.89
CA ALA B 167 0.86 -8.12 -10.07
C ALA B 167 0.77 -9.24 -9.02
N ASP B 168 -0.39 -9.40 -8.37
CA ASP B 168 -0.63 -10.45 -7.34
C ASP B 168 -0.38 -11.84 -7.94
N ALA B 169 -0.95 -12.11 -9.12
CA ALA B 169 -0.74 -13.34 -9.92
C ALA B 169 0.76 -13.63 -10.00
N ILE B 170 1.53 -12.66 -10.50
CA ILE B 170 3.02 -12.74 -10.73
C ILE B 170 3.73 -13.06 -9.41
N GLU B 171 3.31 -12.46 -8.29
CA GLU B 171 3.93 -12.67 -6.97
C GLU B 171 3.72 -14.12 -6.52
N CYS B 172 2.59 -14.73 -6.90
CA CYS B 172 2.27 -16.15 -6.56
C CYS B 172 3.12 -17.10 -7.42
N GLN B 173 3.32 -16.76 -8.70
CA GLN B 173 4.09 -17.58 -9.68
C GLN B 173 5.56 -17.65 -9.27
N ILE B 174 6.11 -16.52 -8.82
CA ILE B 174 7.49 -16.40 -8.24
C ILE B 174 7.63 -17.36 -7.05
N SER B 175 6.67 -17.30 -6.11
CA SER B 175 6.70 -18.04 -4.81
C SER B 175 6.51 -19.55 -5.02
N ASN B 176 6.14 -19.99 -6.22
CA ASN B 176 5.98 -21.43 -6.56
C ASN B 176 6.96 -21.85 -7.66
N ASP B 177 7.78 -20.91 -8.16
CA ASP B 177 8.77 -21.14 -9.24
C ASP B 177 10.07 -21.66 -8.63
N ALA B 178 10.34 -22.96 -8.80
CA ALA B 178 11.56 -23.64 -8.29
C ALA B 178 12.81 -23.03 -8.93
N SER B 179 12.73 -22.61 -10.20
CA SER B 179 13.89 -22.17 -11.04
C SER B 179 14.74 -21.09 -10.33
N ILE B 180 14.14 -20.30 -9.44
CA ILE B 180 14.84 -19.21 -8.68
C ILE B 180 14.94 -19.61 -7.20
N ASP B 181 16.16 -19.57 -6.66
CA ASP B 181 16.54 -19.98 -5.28
C ASP B 181 15.79 -19.12 -4.25
N GLU B 182 15.88 -19.49 -2.98
CA GLU B 182 15.02 -18.95 -1.88
C GLU B 182 15.36 -17.49 -1.59
N THR B 183 16.59 -17.05 -1.87
CA THR B 183 17.06 -15.65 -1.64
C THR B 183 16.43 -14.75 -2.72
N GLU B 184 16.57 -15.12 -3.99
N GLU B 184 16.53 -15.13 -3.99
CA GLU B 184 15.98 -14.41 -5.15
CA GLU B 184 15.97 -14.34 -5.12
C GLU B 184 14.48 -14.24 -4.89
C GLU B 184 14.44 -14.26 -4.96
N LYS B 185 13.76 -15.34 -4.67
N LYS B 185 13.80 -15.37 -4.59
CA LYS B 185 12.32 -15.34 -4.29
CA LYS B 185 12.35 -15.43 -4.25
C LYS B 185 12.07 -14.22 -3.29
C LYS B 185 12.02 -14.31 -3.27
N HIS B 186 12.74 -14.28 -2.13
CA HIS B 186 12.54 -13.32 -1.01
C HIS B 186 12.77 -11.87 -1.48
N GLN B 187 13.83 -11.62 -2.26
CA GLN B 187 14.30 -10.26 -2.64
C GLN B 187 13.43 -9.70 -3.78
N LEU B 188 12.90 -10.56 -4.66
CA LEU B 188 11.92 -10.17 -5.72
C LEU B 188 10.61 -9.73 -5.06
N VAL B 189 10.07 -10.56 -4.16
CA VAL B 189 8.77 -10.32 -3.45
C VAL B 189 8.89 -9.02 -2.64
N LYS B 190 10.01 -8.82 -1.95
CA LYS B 190 10.25 -7.64 -1.09
C LYS B 190 10.46 -6.40 -1.98
N SER B 191 11.11 -6.55 -3.13
CA SER B 191 11.35 -5.43 -4.07
C SER B 191 10.01 -4.80 -4.49
N ARG B 192 8.95 -5.61 -4.63
CA ARG B 192 7.59 -5.14 -5.02
C ARG B 192 7.13 -4.01 -4.10
N ARG B 193 7.17 -4.25 -2.78
CA ARG B 193 6.71 -3.29 -1.73
C ARG B 193 7.77 -2.22 -1.50
N GLY B 194 8.86 -2.21 -2.30
CA GLY B 194 9.98 -1.27 -2.16
C GLY B 194 10.82 -1.59 -0.93
N GLN B 195 11.11 -2.87 -0.72
CA GLN B 195 11.89 -3.39 0.43
C GLN B 195 13.04 -4.28 -0.06
N GLY B 196 13.94 -4.63 0.86
CA GLY B 196 15.06 -5.56 0.64
C GLY B 196 16.16 -4.90 -0.17
N ILE B 197 16.95 -5.73 -0.86
CA ILE B 197 18.22 -5.35 -1.54
C ILE B 197 17.97 -4.22 -2.55
N PHE B 198 16.79 -4.21 -3.18
CA PHE B 198 16.36 -3.17 -4.17
C PHE B 198 16.44 -1.79 -3.51
N ARG B 199 15.90 -1.69 -2.29
CA ARG B 199 15.83 -0.44 -1.50
C ARG B 199 17.24 0.00 -1.14
N SER B 200 18.02 -0.89 -0.52
CA SER B 200 19.46 -0.67 -0.19
C SER B 200 20.13 -0.04 -1.41
N ARG B 201 20.07 -0.72 -2.57
CA ARG B 201 20.75 -0.30 -3.83
C ARG B 201 20.26 1.06 -4.28
N LEU B 202 18.94 1.28 -4.31
CA LEU B 202 18.34 2.57 -4.77
C LEU B 202 18.98 3.72 -3.99
N GLU B 203 19.07 3.59 -2.67
CA GLU B 203 19.63 4.61 -1.74
C GLU B 203 21.08 4.93 -2.12
N GLN B 204 21.81 3.95 -2.67
CA GLN B 204 23.20 4.12 -3.18
C GLN B 204 23.20 5.15 -4.32
N VAL B 205 22.19 5.09 -5.19
CA VAL B 205 22.09 5.90 -6.44
C VAL B 205 21.47 7.26 -6.10
N GLU B 206 20.25 7.25 -5.56
CA GLU B 206 19.45 8.47 -5.21
C GLU B 206 19.53 8.67 -3.69
N SER B 207 19.28 9.90 -3.20
CA SER B 207 19.41 10.24 -1.76
C SER B 207 18.19 11.01 -1.23
N ARG B 208 17.26 11.46 -2.10
CA ARG B 208 16.09 12.28 -1.68
C ARG B 208 14.96 12.22 -2.70
N CYS B 209 13.76 12.61 -2.28
CA CYS B 209 12.58 12.84 -3.17
C CYS B 209 12.99 13.88 -4.21
N ARG B 210 13.07 13.45 -5.47
CA ARG B 210 13.50 14.29 -6.62
C ARG B 210 12.70 15.60 -6.64
N VAL B 211 11.43 15.55 -6.23
CA VAL B 211 10.42 16.64 -6.38
C VAL B 211 10.38 17.50 -5.11
N THR B 212 10.13 16.90 -3.94
CA THR B 212 9.82 17.59 -2.65
C THR B 212 11.11 17.94 -1.89
N GLY B 213 12.20 17.20 -2.11
CA GLY B 213 13.52 17.47 -1.51
C GLY B 213 13.77 16.66 -0.24
N VAL B 214 12.72 16.07 0.33
CA VAL B 214 12.79 15.25 1.59
C VAL B 214 13.89 14.20 1.42
N GLN B 215 14.78 14.07 2.40
CA GLN B 215 15.92 13.09 2.41
C GLN B 215 15.69 12.01 3.47
N LEU B 216 14.77 12.27 4.41
CA LEU B 216 14.40 11.37 5.55
C LEU B 216 13.78 10.08 5.01
N LYS B 217 14.39 8.93 5.33
CA LYS B 217 14.08 7.62 4.73
C LYS B 217 12.67 7.16 5.12
N ASN B 218 12.18 7.55 6.29
CA ASN B 218 10.85 7.13 6.84
C ASN B 218 9.72 7.94 6.18
N HIS B 219 10.04 8.95 5.37
CA HIS B 219 9.05 9.78 4.63
C HIS B 219 9.30 9.68 3.11
N LEU B 220 9.96 8.61 2.66
CA LEU B 220 10.27 8.34 1.24
C LEU B 220 9.79 6.93 0.87
N ILE B 221 9.24 6.77 -0.34
CA ILE B 221 8.82 5.47 -0.92
C ILE B 221 9.80 5.09 -2.03
N ALA B 222 10.25 3.84 -2.05
CA ALA B 222 11.18 3.27 -3.05
C ALA B 222 10.38 2.73 -4.25
N SER B 223 9.81 3.63 -5.05
CA SER B 223 9.04 3.27 -6.26
C SER B 223 10.02 2.87 -7.36
N HIS B 224 9.65 1.86 -8.17
CA HIS B 224 10.34 1.51 -9.43
C HIS B 224 9.97 2.53 -10.51
N ILE B 225 10.78 2.61 -11.57
CA ILE B 225 10.52 3.47 -12.75
C ILE B 225 9.75 2.63 -13.77
N LYS B 226 10.40 1.62 -14.38
CA LYS B 226 9.71 0.50 -15.07
C LYS B 226 9.01 -0.33 -13.99
N PRO B 227 7.65 -0.39 -13.98
CA PRO B 227 6.93 -1.08 -12.91
C PRO B 227 7.46 -2.49 -12.65
N TRP B 228 7.39 -2.90 -11.38
CA TRP B 228 7.75 -4.26 -10.89
C TRP B 228 7.12 -5.32 -11.80
N ALA B 229 5.82 -5.19 -12.04
CA ALA B 229 4.97 -6.18 -12.74
C ALA B 229 5.59 -6.63 -14.08
N VAL B 230 6.21 -5.72 -14.84
CA VAL B 230 6.69 -5.96 -16.24
C VAL B 230 8.23 -6.05 -16.28
N SER B 231 8.92 -5.82 -15.17
CA SER B 231 10.40 -5.87 -15.07
C SER B 231 10.87 -7.32 -14.96
N ASN B 232 11.98 -7.67 -15.63
CA ASN B 232 12.66 -8.98 -15.47
C ASN B 232 13.35 -8.99 -14.10
N ASN B 233 13.74 -10.17 -13.60
CA ASN B 233 14.31 -10.35 -12.24
C ASN B 233 15.53 -9.47 -12.03
N GLN B 234 16.30 -9.15 -13.08
CA GLN B 234 17.44 -8.22 -13.01
C GLN B 234 16.92 -6.81 -12.67
N GLU B 235 15.91 -6.35 -13.41
CA GLU B 235 15.39 -4.95 -13.36
C GLU B 235 14.59 -4.74 -12.07
N ARG B 236 13.99 -5.80 -11.53
CA ARG B 236 13.20 -5.76 -10.27
C ARG B 236 14.11 -5.40 -9.10
N LEU B 237 15.40 -5.70 -9.20
CA LEU B 237 16.40 -5.54 -8.10
C LEU B 237 17.46 -4.50 -8.46
N ASP B 238 17.35 -3.87 -9.64
CA ASP B 238 18.29 -2.82 -10.12
C ASP B 238 18.00 -1.52 -9.37
N GLY B 239 19.02 -0.96 -8.70
CA GLY B 239 18.95 0.34 -8.01
C GLY B 239 18.66 1.48 -8.96
N HIS B 240 19.04 1.35 -10.23
CA HIS B 240 18.84 2.39 -11.28
C HIS B 240 17.39 2.35 -11.79
N ASN B 241 16.63 1.29 -11.49
CA ASN B 241 15.19 1.15 -11.84
C ASN B 241 14.36 1.61 -10.63
N GLY B 242 14.61 2.82 -10.13
CA GLY B 242 13.99 3.29 -8.87
C GLY B 242 14.14 4.78 -8.67
N LEU B 243 13.20 5.35 -7.93
CA LEU B 243 13.22 6.74 -7.41
C LEU B 243 12.69 6.74 -5.97
N LEU B 244 13.41 7.40 -5.06
CA LEU B 244 12.91 7.74 -3.70
C LEU B 244 11.95 8.91 -3.86
N LEU B 245 10.71 8.76 -3.40
CA LEU B 245 9.60 9.73 -3.60
C LEU B 245 8.78 9.86 -2.31
N ALA B 246 8.36 11.09 -2.00
CA ALA B 246 7.27 11.37 -1.03
C ALA B 246 6.02 10.62 -1.48
N PRO B 247 5.20 10.13 -0.53
CA PRO B 247 4.04 9.29 -0.86
C PRO B 247 3.08 9.83 -1.95
N HIS B 248 2.82 11.14 -1.94
CA HIS B 248 1.90 11.81 -2.90
C HIS B 248 2.53 11.89 -4.29
N VAL B 249 3.85 11.99 -4.36
CA VAL B 249 4.59 11.97 -5.67
C VAL B 249 4.62 10.52 -6.14
N ASP B 250 4.93 9.56 -5.25
CA ASP B 250 4.87 8.10 -5.57
C ASP B 250 3.50 7.80 -6.20
N HIS B 251 2.42 8.25 -5.55
CA HIS B 251 1.02 8.13 -6.01
C HIS B 251 0.91 8.60 -7.48
N LEU B 252 1.28 9.86 -7.73
CA LEU B 252 1.12 10.53 -9.05
C LEU B 252 1.97 9.82 -10.12
N PHE B 253 3.17 9.36 -9.75
CA PHE B 253 4.16 8.76 -10.68
C PHE B 253 3.82 7.28 -10.93
N ASP B 254 3.47 6.54 -9.87
CA ASP B 254 3.09 5.10 -9.91
C ASP B 254 1.93 4.89 -10.86
N LYS B 255 1.00 5.84 -10.92
CA LYS B 255 -0.26 5.73 -11.71
C LYS B 255 -0.12 6.45 -13.05
N GLY B 256 0.94 7.23 -13.23
CA GLY B 256 1.30 7.86 -14.51
C GLY B 256 0.62 9.22 -14.70
N PHE B 257 0.22 9.86 -13.61
CA PHE B 257 -0.31 11.25 -13.61
C PHE B 257 0.82 12.23 -13.95
N ILE B 258 2.03 11.95 -13.47
CA ILE B 258 3.29 12.65 -13.87
C ILE B 258 4.29 11.61 -14.38
N SER B 259 5.18 12.04 -15.29
CA SER B 259 6.42 11.33 -15.66
C SER B 259 7.56 12.37 -15.76
N PHE B 260 8.67 11.99 -16.37
CA PHE B 260 9.86 12.86 -16.59
C PHE B 260 10.46 12.54 -17.94
N GLU B 261 10.98 13.58 -18.62
CA GLU B 261 11.87 13.44 -19.79
C GLU B 261 13.24 12.96 -19.27
N ASP B 262 14.16 12.63 -20.18
CA ASP B 262 15.53 12.18 -19.83
C ASP B 262 16.29 13.32 -19.14
N ASN B 263 15.90 14.57 -19.40
CA ASN B 263 16.62 15.80 -18.97
C ASN B 263 16.19 16.22 -17.57
N GLY B 264 15.12 15.63 -17.02
CA GLY B 264 14.61 15.93 -15.68
C GLY B 264 13.28 16.68 -15.71
N GLU B 265 12.93 17.22 -16.88
CA GLU B 265 11.69 18.02 -17.09
C GLU B 265 10.49 17.16 -16.68
N MET B 266 9.65 17.68 -15.77
CA MET B 266 8.38 17.02 -15.36
C MET B 266 7.39 17.10 -16.52
N ILE B 267 6.77 15.98 -16.86
CA ILE B 267 5.63 15.90 -17.83
C ILE B 267 4.37 15.62 -17.02
N VAL B 268 3.35 16.44 -17.20
CA VAL B 268 2.04 16.34 -16.48
C VAL B 268 1.02 15.79 -17.48
N SER B 269 0.32 14.71 -17.14
CA SER B 269 -0.71 14.08 -18.01
C SER B 269 -1.93 15.01 -18.12
N GLU B 270 -2.72 14.84 -19.19
CA GLU B 270 -3.99 15.59 -19.40
C GLU B 270 -5.03 15.10 -18.40
N LYS B 271 -4.85 13.89 -17.85
CA LYS B 271 -5.77 13.21 -16.89
C LYS B 271 -5.55 13.72 -15.47
N LEU B 272 -4.48 14.47 -15.20
CA LEU B 272 -4.18 15.03 -13.86
C LEU B 272 -4.73 16.44 -13.78
N ASN B 273 -5.71 16.66 -12.90
CA ASN B 273 -6.33 17.98 -12.65
C ASN B 273 -5.27 18.87 -11.97
N LEU B 274 -4.77 19.88 -12.70
CA LEU B 274 -3.67 20.78 -12.25
C LEU B 274 -3.95 21.34 -10.86
N ASP B 275 -5.24 21.48 -10.50
CA ASP B 275 -5.71 21.83 -9.14
C ASP B 275 -4.96 21.00 -8.09
N VAL B 276 -4.75 19.70 -8.35
CA VAL B 276 -4.07 18.75 -7.41
C VAL B 276 -2.70 19.34 -7.03
N LEU B 277 -1.90 19.71 -8.05
CA LEU B 277 -0.50 20.18 -7.89
C LEU B 277 -0.47 21.49 -7.10
N LYS B 278 -1.40 22.40 -7.41
CA LYS B 278 -1.60 23.70 -6.72
C LYS B 278 -1.87 23.44 -5.23
N ALA B 279 -2.78 22.50 -4.93
CA ALA B 279 -3.22 22.12 -3.56
C ALA B 279 -2.06 21.52 -2.78
N TRP B 280 -1.14 20.81 -3.45
CA TRP B 280 0.05 20.15 -2.85
C TRP B 280 1.33 20.96 -3.12
N SER B 281 1.22 22.19 -3.62
CA SER B 281 2.36 23.12 -3.89
C SER B 281 3.51 22.35 -4.57
N ILE B 282 3.22 21.70 -5.69
CA ILE B 282 4.20 21.02 -6.59
C ILE B 282 4.28 21.81 -7.89
N SER B 283 5.48 22.25 -8.27
CA SER B 283 5.76 23.01 -9.52
C SER B 283 6.08 22.04 -10.67
N GLN B 284 5.74 22.43 -11.90
CA GLN B 284 6.32 21.84 -13.13
C GLN B 284 7.78 22.28 -13.19
N GLY B 285 8.57 21.74 -14.13
CA GLY B 285 9.98 22.14 -14.32
C GLY B 285 10.94 20.98 -14.20
N ASN B 286 12.24 21.29 -14.06
CA ASN B 286 13.37 20.33 -14.14
C ASN B 286 13.69 19.81 -12.73
N TYR B 287 13.69 18.49 -12.55
CA TYR B 287 14.02 17.82 -11.26
C TYR B 287 15.31 16.99 -11.42
N GLY B 288 16.31 17.62 -12.06
CA GLY B 288 17.69 17.11 -12.14
C GLY B 288 17.82 16.01 -13.17
N TYR B 289 19.06 15.63 -13.46
CA TYR B 289 19.46 14.73 -14.57
C TYR B 289 19.36 13.28 -14.13
N PHE B 290 19.14 12.38 -15.09
CA PHE B 290 19.08 10.92 -14.89
C PHE B 290 20.31 10.27 -15.50
N SER B 291 20.81 9.19 -14.87
CA SER B 291 21.90 8.34 -15.43
C SER B 291 21.39 7.68 -16.71
N LYS B 292 22.30 7.16 -17.56
CA LYS B 292 21.93 6.47 -18.82
C LYS B 292 21.00 5.29 -18.51
N GLN B 293 21.37 4.47 -17.52
CA GLN B 293 20.59 3.29 -17.05
C GLN B 293 19.19 3.74 -16.62
N GLN B 294 19.11 4.88 -15.92
CA GLN B 294 17.84 5.48 -15.44
C GLN B 294 17.00 5.93 -16.64
N GLN B 295 17.62 6.54 -17.66
CA GLN B 295 16.92 7.13 -18.84
C GLN B 295 16.24 6.02 -19.65
N GLU B 296 16.88 4.85 -19.74
CA GLU B 296 16.32 3.62 -20.39
C GLU B 296 14.95 3.32 -19.77
N TYR B 297 14.92 3.25 -18.42
CA TYR B 297 13.74 2.87 -17.60
C TYR B 297 12.68 3.98 -17.65
N MET B 298 13.11 5.24 -17.49
CA MET B 298 12.19 6.41 -17.47
C MET B 298 11.47 6.51 -18.82
N CYS B 299 12.11 6.08 -19.91
CA CYS B 299 11.51 6.05 -21.26
C CYS B 299 10.33 5.08 -21.29
N TYR B 300 10.54 3.83 -20.85
CA TYR B 300 9.47 2.79 -20.79
C TYR B 300 8.28 3.38 -20.02
N HIS B 301 8.55 4.06 -18.90
CA HIS B 301 7.52 4.71 -18.05
C HIS B 301 6.70 5.70 -18.89
N ARG B 302 7.35 6.61 -19.59
CA ARG B 302 6.69 7.64 -20.45
C ARG B 302 5.70 6.95 -21.40
N GLU B 303 6.14 5.88 -22.06
CA GLU B 303 5.42 5.26 -23.21
C GLU B 303 4.36 4.27 -22.71
N ASN B 304 4.49 3.73 -21.49
CA ASN B 304 3.67 2.57 -21.02
C ASN B 304 2.87 2.91 -19.77
N VAL B 305 3.39 3.74 -18.86
CA VAL B 305 2.75 4.05 -17.54
C VAL B 305 2.06 5.41 -17.63
N PHE B 306 2.81 6.44 -18.01
CA PHE B 306 2.35 7.85 -18.14
C PHE B 306 1.09 7.91 -19.02
N LYS B 307 -0.01 8.40 -18.44
CA LYS B 307 -1.36 8.43 -19.07
C LYS B 307 -1.40 9.46 -20.20
N LYS B 308 -1.58 8.98 -21.44
CA LYS B 308 -1.75 9.78 -22.68
C LYS B 308 -3.24 9.81 -23.03
N LEU B 309 -3.66 10.66 -23.99
CA LEU B 309 -5.07 10.85 -24.40
C LEU B 309 -5.44 9.90 -25.56
N1 5CM C 6 31.97 -12.56 11.88
C2 5CM C 6 31.73 -11.92 10.65
N3 5CM C 6 30.90 -12.39 9.68
C4 5CM C 6 30.28 -13.58 9.97
C5 5CM C 6 30.49 -14.27 11.19
C5A 5CM C 6 29.81 -15.59 11.52
C6 5CM C 6 31.35 -13.72 12.12
O2 5CM C 6 32.31 -10.83 10.40
N4 5CM C 6 29.45 -14.06 8.99
C1' 5CM C 6 32.86 -11.98 12.90
C2' 5CM C 6 32.16 -11.66 14.21
C3' 5CM C 6 33.18 -11.93 15.28
C4' 5CM C 6 34.20 -12.86 14.61
O4' 5CM C 6 33.89 -12.91 13.22
O3' 5CM C 6 33.76 -10.73 15.83
C5' 5CM C 6 34.12 -14.26 15.18
O5' 5CM C 6 32.75 -14.69 15.21
P 5CM C 6 32.36 -16.25 15.19
OP1 5CM C 6 30.86 -16.43 15.10
OP2 5CM C 6 33.26 -16.87 14.18
N1 5CM E 6 -33.92 -5.21 -11.26
C2 5CM E 6 -33.48 -4.58 -10.07
N3 5CM E 6 -32.73 -5.22 -9.12
C4 5CM E 6 -32.41 -6.52 -9.38
C5 5CM E 6 -32.82 -7.17 -10.59
C5A 5CM E 6 -32.47 -8.61 -10.88
C6 5CM E 6 -33.58 -6.47 -11.50
O2 5CM E 6 -33.80 -3.40 -9.84
N4 5CM E 6 -31.65 -7.15 -8.43
C1' 5CM E 6 -34.72 -4.47 -12.25
C2' 5CM E 6 -34.04 -4.32 -13.61
C3' 5CM E 6 -35.17 -4.37 -14.60
C4' 5CM E 6 -36.33 -5.04 -13.87
O4' 5CM E 6 -35.96 -5.15 -12.49
O3' 5CM E 6 -35.44 -3.06 -15.14
C5' 5CM E 6 -36.59 -6.42 -14.45
O5' 5CM E 6 -35.36 -7.15 -14.50
P 5CM E 6 -35.34 -8.75 -14.45
OP1 5CM E 6 -33.92 -9.26 -14.35
OP2 5CM E 6 -36.38 -9.14 -13.43
CL CL G . -22.74 14.38 16.19
S SO4 H . 9.80 -15.07 5.67
O1 SO4 H . 9.95 -13.83 4.96
O2 SO4 H . 8.56 -15.06 6.42
O3 SO4 H . 10.90 -15.23 6.59
O4 SO4 H . 9.78 -16.16 4.73
S SO4 I . -1.24 -2.26 7.36
O1 SO4 I . -2.58 -2.78 7.24
O2 SO4 I . -1.24 -0.84 7.13
O3 SO4 I . -0.74 -2.53 8.68
O4 SO4 I . -0.39 -2.89 6.38
S SO4 J . 29.50 -28.59 7.59
O1 SO4 J . 28.32 -27.78 7.64
O2 SO4 J . 29.64 -29.16 6.27
O3 SO4 J . 30.66 -27.79 7.89
O4 SO4 J . 29.40 -29.64 8.56
S SO4 K . 14.03 -6.10 26.66
O1 SO4 K . 12.62 -5.98 26.90
O2 SO4 K . 14.26 -6.96 25.52
O3 SO4 K . 14.58 -4.80 26.38
O4 SO4 K . 14.67 -6.65 27.82
S SO4 L . 21.44 -21.46 24.38
O1 SO4 L . 20.33 -22.25 24.82
O2 SO4 L . 21.18 -20.98 23.03
O3 SO4 L . 21.61 -20.33 25.25
O4 SO4 L . 22.64 -22.26 24.38
S SO4 M . -12.85 -11.96 -4.73
O1 SO4 M . -14.21 -12.25 -4.34
O2 SO4 M . -12.57 -12.56 -6.01
O3 SO4 M . -12.69 -10.52 -4.83
O4 SO4 M . -11.94 -12.47 -3.74
S SO4 N . -14.71 -2.66 -26.80
O1 SO4 N . -15.76 -1.76 -27.21
O2 SO4 N . -14.30 -3.48 -27.92
O3 SO4 N . -13.59 -1.91 -26.31
O4 SO4 N . -15.20 -3.51 -25.74
S SO4 O . 0.31 -2.65 -6.97
O1 SO4 O . -1.08 -2.39 -7.23
O2 SO4 O . 1.11 -1.73 -7.73
O3 SO4 O . 0.58 -2.47 -5.57
O4 SO4 O . 0.63 -3.99 -7.36
S SO4 P . -25.89 -16.87 -23.03
O1 SO4 P . -26.99 -16.27 -22.32
O2 SO4 P . -25.95 -16.50 -24.42
O3 SO4 P . -24.65 -16.41 -22.46
O4 SO4 P . -25.97 -18.30 -22.91
#